data_9CY5
#
_entry.id   9CY5
#
_cell.length_a   64.886
_cell.length_b   84.646
_cell.length_c   148.799
_cell.angle_alpha   90.00
_cell.angle_beta   90.00
_cell.angle_gamma   90.00
#
_symmetry.space_group_name_H-M   'P 21 21 21'
#
loop_
_entity.id
_entity.type
_entity.pdbx_description
1 polymer 'Dual specificity tyrosine-phosphorylation-regulated kinase 1A'
2 non-polymer (4P)-4-{(4M)-4-[3-fluoro-4-(4-methylpiperazin-1-yl)phenyl]quinazolin-6-yl}pyridin-2-amine
3 non-polymer 'TETRAETHYLENE GLYCOL'
4 water water
#
_entity_poly.entity_id   1
_entity_poly.type   'polypeptide(L)'
_entity_poly.pdbx_seq_one_letter_code
;DSSHKKERKVYNDGYDDDNYDYIVKNGEKWMDRYEIDSLIGKGSFGQVVKAYDRVEQEWVAIKIIKNKKAFLNQAQIEVR
LLELMNKHDTEMKYYIVHLKRHFMFRNHLCLVFEMLSYNLYDLLRNTNFRGVSLNLTRKFAQQMCTALLFLATPELSIIH
CDLKPENILLCNPKRSAIKIVDFGSSCQLGQRIYQ(PTR)IQSRFYRSPEVLLGMPYDLAIDMWSLGCILVEMHTGEPLF
SGANEVDQMNKIVEVLGIPPAHILDQAPKARKFFEKLPDGTWNLKKTKDGKREYKPPGTRKLHNILGVETGGPGGRRAGE
SGHTVADYLKFKDLILRMLDYDPKTRIQPYYALQHSFFKKTADEGTNTS
;
_entity_poly.pdbx_strand_id   A,B
#
# COMPACT_ATOMS: atom_id res chain seq x y z
N TYR A 11 11.02 -14.90 -11.32
CA TYR A 11 10.69 -13.71 -10.48
C TYR A 11 11.78 -12.64 -10.64
N ASN A 12 11.42 -11.51 -11.27
CA ASN A 12 12.31 -10.35 -11.42
C ASN A 12 13.69 -10.80 -11.88
N ASP A 13 13.72 -11.53 -13.02
CA ASP A 13 14.96 -11.88 -13.68
C ASP A 13 15.74 -12.90 -12.83
N GLY A 14 15.16 -13.47 -11.77
CA GLY A 14 15.88 -14.41 -10.91
C GLY A 14 16.24 -13.87 -9.52
N TYR A 15 16.07 -12.56 -9.30
CA TYR A 15 16.44 -11.89 -8.05
C TYR A 15 15.38 -11.98 -6.93
N ASP A 16 14.09 -12.21 -7.23
CA ASP A 16 13.07 -12.16 -6.19
C ASP A 16 12.63 -13.56 -5.78
N ASP A 17 12.13 -13.71 -4.55
CA ASP A 17 11.57 -14.96 -4.05
C ASP A 17 10.04 -14.96 -4.23
N ASP A 18 9.38 -16.01 -3.71
CA ASP A 18 7.95 -16.16 -3.80
C ASP A 18 7.21 -14.95 -3.26
N ASN A 19 7.79 -14.29 -2.24
CA ASN A 19 7.11 -13.30 -1.41
C ASN A 19 7.29 -11.91 -2.00
N TYR A 20 8.04 -11.81 -3.09
CA TYR A 20 8.26 -10.54 -3.78
C TYR A 20 9.31 -9.74 -3.03
N ASP A 21 10.23 -10.45 -2.36
CA ASP A 21 11.41 -9.89 -1.70
C ASP A 21 12.66 -10.02 -2.59
N TYR A 22 13.63 -9.14 -2.39
CA TYR A 22 14.93 -9.31 -3.02
C TYR A 22 15.65 -10.42 -2.26
N ILE A 23 16.24 -11.37 -2.99
CA ILE A 23 17.06 -12.41 -2.43
C ILE A 23 18.47 -11.84 -2.27
N VAL A 24 18.95 -11.79 -1.03
CA VAL A 24 20.19 -11.11 -0.77
C VAL A 24 21.35 -12.07 -0.98
N LYS A 25 22.45 -11.51 -1.47
CA LYS A 25 23.72 -12.21 -1.48
C LYS A 25 24.75 -11.30 -0.80
N ASN A 26 25.34 -11.78 0.28
CA ASN A 26 26.36 -11.02 0.97
C ASN A 26 27.47 -10.72 -0.05
N GLY A 27 28.09 -9.55 0.08
CA GLY A 27 29.26 -9.18 -0.69
C GLY A 27 28.92 -8.41 -1.97
N GLU A 28 27.62 -8.37 -2.31
CA GLU A 28 27.12 -7.80 -3.57
C GLU A 28 27.31 -6.29 -3.52
N LYS A 29 27.61 -5.68 -4.66
CA LYS A 29 27.92 -4.26 -4.69
C LYS A 29 26.88 -3.64 -5.60
N TRP A 30 26.35 -2.49 -5.19
CA TRP A 30 25.26 -1.86 -5.87
C TRP A 30 25.70 -0.48 -6.34
N MET A 31 25.68 -0.24 -7.66
CA MET A 31 25.84 1.10 -8.20
C MET A 31 27.21 1.62 -7.80
N ASP A 32 28.19 0.71 -7.93
CA ASP A 32 29.53 0.86 -7.41
C ASP A 32 29.53 1.80 -6.21
N ARG A 33 28.76 1.47 -5.16
CA ARG A 33 28.66 2.33 -3.98
C ARG A 33 28.41 1.50 -2.71
N TYR A 34 27.34 0.69 -2.68
CA TYR A 34 27.00 0.01 -1.43
C TYR A 34 27.45 -1.44 -1.49
N GLU A 35 28.21 -1.86 -0.47
CA GLU A 35 28.53 -3.27 -0.32
C GLU A 35 27.55 -3.87 0.68
N ILE A 36 26.74 -4.83 0.25
CA ILE A 36 25.75 -5.41 1.12
C ILE A 36 26.47 -6.38 2.03
N ASP A 37 26.45 -6.12 3.34
CA ASP A 37 27.12 -7.00 4.26
C ASP A 37 26.25 -8.21 4.58
N SER A 38 25.03 -7.98 5.05
CA SER A 38 24.18 -9.07 5.52
C SER A 38 22.73 -8.60 5.72
N LEU A 39 21.82 -9.56 5.91
CA LEU A 39 20.40 -9.31 6.17
C LEU A 39 20.18 -9.01 7.66
N ILE A 40 19.65 -7.83 7.98
CA ILE A 40 19.39 -7.51 9.38
C ILE A 40 18.09 -8.15 9.84
N GLY A 41 17.01 -7.88 9.12
CA GLY A 41 15.75 -8.51 9.44
C GLY A 41 14.74 -8.32 8.33
N LYS A 42 13.62 -9.02 8.49
CA LYS A 42 12.50 -8.99 7.59
C LYS A 42 11.33 -8.31 8.30
N GLY A 43 10.42 -7.71 7.53
CA GLY A 43 9.05 -7.48 7.95
C GLY A 43 8.11 -7.56 6.75
N SER A 44 6.90 -7.00 6.93
CA SER A 44 5.83 -7.08 5.93
C SER A 44 6.27 -6.35 4.67
N PHE A 45 6.94 -5.21 4.89
CA PHE A 45 7.31 -4.33 3.80
C PHE A 45 8.48 -4.92 3.02
N GLY A 46 9.13 -5.96 3.59
CA GLY A 46 10.31 -6.54 2.97
C GLY A 46 11.49 -6.63 3.94
N GLN A 47 12.66 -6.12 3.54
CA GLN A 47 13.85 -6.44 4.29
C GLN A 47 14.63 -5.19 4.64
N VAL A 48 15.55 -5.37 5.58
CA VAL A 48 16.53 -4.36 5.88
C VAL A 48 17.88 -5.06 5.89
N VAL A 49 18.83 -4.54 5.11
CA VAL A 49 20.15 -5.12 5.03
C VAL A 49 21.15 -4.13 5.59
N LYS A 50 22.26 -4.66 6.11
CA LYS A 50 23.42 -3.87 6.49
C LYS A 50 24.33 -3.71 5.28
N ALA A 51 24.76 -2.49 5.00
CA ALA A 51 25.58 -2.22 3.84
C ALA A 51 26.60 -1.15 4.16
N TYR A 52 27.74 -1.18 3.43
CA TYR A 52 28.75 -0.14 3.55
C TYR A 52 28.60 0.78 2.34
N ASP A 53 28.52 2.08 2.61
CA ASP A 53 28.49 3.13 1.60
C ASP A 53 29.92 3.59 1.40
N ARG A 54 30.52 3.22 0.26
CA ARG A 54 31.92 3.51 0.01
C ARG A 54 32.11 5.00 -0.22
N VAL A 55 31.05 5.69 -0.64
CA VAL A 55 31.14 7.12 -0.92
C VAL A 55 31.18 7.93 0.39
N GLU A 56 30.21 7.75 1.31
CA GLU A 56 30.17 8.51 2.56
C GLU A 56 31.02 7.85 3.66
N GLN A 57 31.46 6.61 3.42
CA GLN A 57 32.38 5.88 4.27
C GLN A 57 31.76 5.61 5.63
N GLU A 58 30.55 5.06 5.60
CA GLU A 58 29.80 4.74 6.81
C GLU A 58 28.89 3.55 6.47
N TRP A 59 28.40 2.93 7.53
CA TRP A 59 27.41 1.89 7.39
C TRP A 59 26.02 2.51 7.32
N VAL A 60 25.17 1.87 6.52
CA VAL A 60 23.77 2.23 6.42
C VAL A 60 22.90 0.99 6.53
N ALA A 61 21.67 1.20 6.99
CA ALA A 61 20.65 0.18 6.90
C ALA A 61 19.79 0.50 5.69
N ILE A 62 19.71 -0.42 4.74
CA ILE A 62 18.94 -0.19 3.53
C ILE A 62 17.67 -1.00 3.66
N LYS A 63 16.53 -0.29 3.68
CA LYS A 63 15.22 -0.92 3.69
C LYS A 63 14.89 -1.25 2.25
N ILE A 64 14.85 -2.54 1.94
CA ILE A 64 14.51 -3.00 0.60
C ILE A 64 13.03 -3.40 0.56
N ILE A 65 12.24 -2.59 -0.14
CA ILE A 65 10.79 -2.77 -0.23
C ILE A 65 10.51 -3.88 -1.23
N LYS A 66 9.63 -4.82 -0.85
CA LYS A 66 9.06 -5.76 -1.80
C LYS A 66 8.70 -5.10 -3.14
N ASN A 67 8.92 -5.89 -4.20
CA ASN A 67 8.57 -5.54 -5.56
C ASN A 67 7.08 -5.86 -5.75
N LYS A 68 6.24 -4.99 -5.20
CA LYS A 68 4.78 -5.06 -5.38
C LYS A 68 4.19 -3.68 -5.12
N LYS A 69 3.17 -3.33 -5.92
CA LYS A 69 2.56 -2.00 -5.92
C LYS A 69 2.12 -1.62 -4.50
N ALA A 70 1.46 -2.52 -3.78
CA ALA A 70 0.92 -2.16 -2.48
C ALA A 70 2.03 -1.70 -1.53
N PHE A 71 3.16 -2.40 -1.49
CA PHE A 71 4.26 -2.05 -0.58
C PHE A 71 5.06 -0.86 -1.11
N LEU A 72 5.11 -0.72 -2.43
CA LEU A 72 5.83 0.36 -3.07
C LEU A 72 5.15 1.68 -2.77
N ASN A 73 3.82 1.72 -3.02
CA ASN A 73 3.00 2.90 -2.81
C ASN A 73 3.08 3.33 -1.33
N GLN A 74 2.96 2.36 -0.43
CA GLN A 74 3.19 2.51 1.01
C GLN A 74 4.56 3.14 1.31
N ALA A 75 5.62 2.73 0.59
CA ALA A 75 6.97 3.20 0.93
C ALA A 75 7.22 4.61 0.40
N GLN A 76 6.57 4.95 -0.72
N GLN A 76 6.54 4.93 -0.70
CA GLN A 76 6.65 6.30 -1.25
CA GLN A 76 6.60 6.25 -1.28
C GLN A 76 5.99 7.25 -0.26
C GLN A 76 5.97 7.25 -0.31
N ILE A 77 4.87 6.84 0.36
CA ILE A 77 4.27 7.61 1.45
C ILE A 77 5.29 7.77 2.59
N GLU A 78 5.93 6.67 2.99
CA GLU A 78 6.96 6.72 4.03
C GLU A 78 8.05 7.73 3.66
N VAL A 79 8.50 7.70 2.39
CA VAL A 79 9.52 8.61 1.89
C VAL A 79 9.10 10.05 2.05
N ARG A 80 7.89 10.36 1.55
CA ARG A 80 7.39 11.72 1.56
C ARG A 80 7.44 12.27 2.99
N LEU A 81 6.91 11.47 3.95
CA LEU A 81 6.80 11.83 5.36
C LEU A 81 8.18 11.93 5.99
N LEU A 82 9.04 10.96 5.73
CA LEU A 82 10.40 11.00 6.26
C LEU A 82 11.14 12.26 5.81
N GLU A 83 11.07 12.57 4.51
CA GLU A 83 11.71 13.77 3.99
C GLU A 83 11.11 15.00 4.63
N LEU A 84 9.79 14.98 4.78
CA LEU A 84 9.11 16.09 5.43
C LEU A 84 9.71 16.24 6.82
N MET A 85 9.78 15.16 7.60
CA MET A 85 10.28 15.26 8.98
C MET A 85 11.73 15.76 8.98
N ASN A 86 12.52 15.37 7.98
CA ASN A 86 13.93 15.73 7.92
C ASN A 86 14.12 17.20 7.57
N LYS A 87 13.14 17.83 6.91
CA LYS A 87 13.19 19.28 6.75
C LYS A 87 13.35 19.92 8.13
N HIS A 88 12.45 19.56 9.07
CA HIS A 88 12.33 20.27 10.33
C HIS A 88 13.48 19.93 11.29
N ASP A 89 13.96 18.68 11.23
CA ASP A 89 14.89 18.11 12.20
C ASP A 89 16.28 17.96 11.57
N THR A 90 16.94 19.09 11.23
CA THR A 90 18.19 19.06 10.48
C THR A 90 19.36 18.47 11.29
N GLU A 91 19.27 18.45 12.63
CA GLU A 91 20.34 17.92 13.47
C GLU A 91 20.02 16.54 14.07
N MET A 92 18.82 15.99 13.77
CA MET A 92 18.41 14.63 14.12
C MET A 92 18.06 14.52 15.62
N LYS A 93 17.63 15.64 16.21
CA LYS A 93 17.49 15.81 17.66
C LYS A 93 16.20 15.21 18.19
N TYR A 94 15.24 14.90 17.31
CA TYR A 94 13.88 14.63 17.77
C TYR A 94 13.54 13.15 17.60
N TYR A 95 14.55 12.26 17.56
CA TYR A 95 14.33 10.84 17.83
C TYR A 95 13.49 10.17 16.73
N ILE A 96 13.68 10.58 15.47
CA ILE A 96 13.08 9.95 14.30
C ILE A 96 14.22 9.47 13.39
N VAL A 97 14.18 8.21 12.96
CA VAL A 97 15.26 7.70 12.13
C VAL A 97 15.44 8.62 10.92
N HIS A 98 16.71 8.82 10.50
CA HIS A 98 17.07 9.68 9.38
C HIS A 98 17.07 8.87 8.08
N LEU A 99 16.34 9.34 7.07
CA LEU A 99 16.43 8.81 5.72
C LEU A 99 17.49 9.61 4.96
N LYS A 100 18.50 8.92 4.45
CA LYS A 100 19.58 9.60 3.74
C LYS A 100 19.17 9.81 2.28
N ARG A 101 18.62 8.77 1.66
CA ARG A 101 18.28 8.85 0.26
C ARG A 101 17.47 7.60 -0.09
N HIS A 102 17.02 7.52 -1.34
CA HIS A 102 16.23 6.38 -1.81
C HIS A 102 16.52 6.17 -3.30
N PHE A 103 16.40 4.94 -3.76
CA PHE A 103 16.58 4.67 -5.18
C PHE A 103 15.82 3.40 -5.51
N MET A 104 15.61 3.20 -6.81
CA MET A 104 15.06 1.98 -7.34
C MET A 104 16.25 1.08 -7.74
N PHE A 105 16.13 -0.23 -7.54
CA PHE A 105 17.23 -1.12 -7.82
C PHE A 105 16.69 -2.53 -7.93
N ARG A 106 16.86 -3.09 -9.14
CA ARG A 106 16.27 -4.36 -9.53
C ARG A 106 14.79 -4.39 -9.19
N ASN A 107 14.13 -3.25 -9.47
CA ASN A 107 12.68 -3.08 -9.40
C ASN A 107 12.18 -3.16 -7.96
N HIS A 108 13.04 -2.80 -7.01
CA HIS A 108 12.65 -2.61 -5.63
C HIS A 108 13.03 -1.21 -5.16
N LEU A 109 12.04 -0.50 -4.56
CA LEU A 109 12.38 0.73 -3.87
C LEU A 109 13.32 0.43 -2.70
N CYS A 110 14.32 1.28 -2.50
CA CYS A 110 15.26 1.10 -1.41
C CYS A 110 15.41 2.39 -0.63
N LEU A 111 15.02 2.38 0.63
CA LEU A 111 15.25 3.52 1.51
C LEU A 111 16.55 3.27 2.28
N VAL A 112 17.45 4.27 2.31
CA VAL A 112 18.75 4.20 2.96
C VAL A 112 18.69 5.00 4.27
N PHE A 113 18.88 4.30 5.39
CA PHE A 113 18.77 4.92 6.70
C PHE A 113 20.14 4.94 7.36
N GLU A 114 20.29 5.83 8.33
CA GLU A 114 21.37 5.69 9.28
C GLU A 114 21.27 4.31 9.93
N MET A 115 22.43 3.76 10.31
CA MET A 115 22.48 2.51 11.04
C MET A 115 22.08 2.75 12.50
N LEU A 116 21.08 1.99 12.97
CA LEU A 116 20.71 1.91 14.37
C LEU A 116 21.05 0.52 14.92
N SER A 117 20.45 0.16 16.05
CA SER A 117 20.68 -1.08 16.76
C SER A 117 19.37 -1.87 16.91
N TYR A 118 19.26 -2.69 17.98
N TYR A 118 19.26 -2.72 17.94
CA TYR A 118 18.15 -3.58 18.24
CA TYR A 118 18.10 -3.59 18.07
C TYR A 118 16.89 -2.76 18.55
C TYR A 118 16.90 -2.79 18.55
N ASN A 119 15.71 -3.37 18.30
CA ASN A 119 14.45 -2.78 18.66
C ASN A 119 14.07 -3.18 20.08
N LEU A 120 13.09 -2.49 20.65
CA LEU A 120 12.80 -2.66 22.05
C LEU A 120 12.14 -4.01 22.32
N TYR A 121 11.53 -4.60 21.30
CA TYR A 121 11.01 -5.96 21.41
C TYR A 121 12.18 -6.91 21.61
N ASP A 122 13.18 -6.87 20.72
CA ASP A 122 14.34 -7.71 20.91
C ASP A 122 15.00 -7.44 22.27
N LEU A 123 14.91 -6.20 22.76
CA LEU A 123 15.47 -5.86 24.06
C LEU A 123 14.72 -6.63 25.14
N LEU A 124 13.39 -6.51 25.10
CA LEU A 124 12.48 -7.27 25.95
C LEU A 124 12.71 -8.77 25.90
N ARG A 125 13.09 -9.33 24.75
N ARG A 125 13.07 -9.31 24.73
CA ARG A 125 13.26 -10.76 24.67
CA ARG A 125 13.32 -10.74 24.58
C ARG A 125 14.55 -11.16 25.40
C ARG A 125 14.53 -11.14 25.41
N ASN A 126 15.56 -10.27 25.45
CA ASN A 126 16.77 -10.54 26.23
C ASN A 126 16.55 -10.30 27.73
N THR A 127 15.40 -9.76 28.14
CA THR A 127 15.03 -9.73 29.55
C THR A 127 14.23 -11.00 29.92
N ASN A 128 13.95 -11.86 28.91
CA ASN A 128 13.05 -13.01 29.01
C ASN A 128 11.62 -12.57 29.33
N PHE A 129 11.28 -11.39 28.80
CA PHE A 129 9.94 -10.84 28.89
C PHE A 129 9.57 -10.65 30.35
N ARG A 130 10.55 -10.13 31.10
CA ARG A 130 10.38 -9.80 32.52
C ARG A 130 10.54 -8.30 32.75
N GLY A 131 10.90 -7.56 31.70
CA GLY A 131 10.95 -6.11 31.77
C GLY A 131 12.35 -5.56 32.06
N VAL A 132 12.52 -4.29 31.72
CA VAL A 132 13.65 -3.48 32.10
C VAL A 132 13.23 -2.49 33.17
N SER A 133 14.24 -1.83 33.73
CA SER A 133 14.06 -1.04 34.92
C SER A 133 13.15 0.14 34.64
N LEU A 134 12.49 0.60 35.70
CA LEU A 134 11.65 1.79 35.59
C LEU A 134 12.51 2.94 35.10
N ASN A 135 13.78 2.96 35.58
CA ASN A 135 14.73 4.00 35.23
C ASN A 135 14.92 4.05 33.74
N LEU A 136 15.08 2.87 33.13
CA LEU A 136 15.29 2.79 31.71
C LEU A 136 13.96 3.04 31.02
N THR A 137 12.87 2.54 31.62
CA THR A 137 11.54 2.78 31.09
C THR A 137 11.31 4.28 30.95
N ARG A 138 11.86 5.04 31.92
CA ARG A 138 11.64 6.49 32.00
C ARG A 138 12.44 7.18 30.89
N LYS A 139 13.62 6.68 30.61
CA LYS A 139 14.41 7.32 29.57
C LYS A 139 13.73 7.09 28.22
N PHE A 140 13.13 5.91 28.05
CA PHE A 140 12.41 5.60 26.82
C PHE A 140 11.22 6.51 26.72
N ALA A 141 10.53 6.65 27.85
CA ALA A 141 9.35 7.48 27.93
C ALA A 141 9.68 8.90 27.51
N GLN A 142 10.67 9.50 28.15
CA GLN A 142 10.99 10.89 27.91
C GLN A 142 11.24 11.11 26.41
N GLN A 143 12.11 10.27 25.84
CA GLN A 143 12.43 10.36 24.44
C GLN A 143 11.17 10.23 23.58
N MET A 144 10.35 9.23 23.89
CA MET A 144 9.16 8.93 23.10
C MET A 144 8.17 10.09 23.14
N CYS A 145 7.92 10.67 24.32
CA CYS A 145 7.07 11.83 24.44
C CYS A 145 7.58 13.04 23.64
N THR A 146 8.88 13.33 23.74
CA THR A 146 9.53 14.34 22.92
C THR A 146 9.23 14.10 21.44
N ALA A 147 9.37 12.85 20.99
CA ALA A 147 9.17 12.52 19.59
C ALA A 147 7.73 12.77 19.20
N LEU A 148 6.78 12.41 20.07
CA LEU A 148 5.38 12.64 19.77
C LEU A 148 5.13 14.15 19.68
N LEU A 149 5.83 14.91 20.50
CA LEU A 149 5.74 16.37 20.46
C LEU A 149 6.22 16.94 19.13
N PHE A 150 7.31 16.40 18.62
CA PHE A 150 7.82 16.79 17.33
C PHE A 150 6.79 16.44 16.27
N LEU A 151 6.27 15.21 16.30
CA LEU A 151 5.30 14.79 15.29
C LEU A 151 4.12 15.75 15.24
N ALA A 152 3.76 16.34 16.38
CA ALA A 152 2.55 17.14 16.48
C ALA A 152 2.81 18.61 16.15
N THR A 153 4.03 18.94 15.70
CA THR A 153 4.23 20.28 15.18
C THR A 153 3.26 20.46 14.00
N PRO A 154 2.55 21.59 13.94
CA PRO A 154 1.46 21.78 12.98
C PRO A 154 1.80 21.38 11.54
N GLU A 155 3.01 21.76 11.08
CA GLU A 155 3.38 21.58 9.68
C GLU A 155 3.68 20.12 9.38
N LEU A 156 3.81 19.28 10.41
CA LEU A 156 3.89 17.84 10.21
C LEU A 156 2.55 17.21 10.50
N SER A 157 2.09 17.32 11.77
CA SER A 157 0.83 16.74 12.19
C SER A 157 0.77 15.27 11.79
N ILE A 158 1.84 14.55 12.11
CA ILE A 158 1.99 13.18 11.64
C ILE A 158 1.53 12.24 12.76
N ILE A 159 0.71 11.27 12.36
CA ILE A 159 0.34 10.15 13.22
C ILE A 159 1.12 8.94 12.75
N HIS A 160 1.99 8.40 13.61
CA HIS A 160 2.79 7.26 13.21
C HIS A 160 1.90 6.09 12.82
N CYS A 161 0.95 5.75 13.70
CA CYS A 161 -0.12 4.80 13.46
C CYS A 161 0.29 3.36 13.68
N ASP A 162 1.54 3.07 14.04
CA ASP A 162 1.92 1.68 14.19
C ASP A 162 2.99 1.58 15.26
N LEU A 163 2.89 2.42 16.29
CA LEU A 163 3.88 2.37 17.36
C LEU A 163 3.75 1.04 18.08
N LYS A 164 4.90 0.42 18.32
CA LYS A 164 5.00 -0.74 19.17
C LYS A 164 6.47 -0.92 19.42
N PRO A 165 6.89 -1.84 20.29
CA PRO A 165 8.32 -2.00 20.58
C PRO A 165 9.22 -2.31 19.39
N GLU A 166 8.65 -3.02 18.40
N GLU A 166 8.66 -3.00 18.39
CA GLU A 166 9.32 -3.42 17.17
CA GLU A 166 9.37 -3.41 17.19
C GLU A 166 9.79 -2.20 16.39
C GLU A 166 9.79 -2.19 16.37
N ASN A 167 8.96 -1.15 16.40
CA ASN A 167 9.23 0.08 15.64
C ASN A 167 9.99 1.12 16.44
N ILE A 168 10.65 0.74 17.55
CA ILE A 168 11.45 1.65 18.35
C ILE A 168 12.82 1.03 18.56
N LEU A 169 13.85 1.70 18.03
CA LEU A 169 15.19 1.13 17.99
C LEU A 169 16.12 1.95 18.87
N LEU A 170 17.02 1.24 19.56
CA LEU A 170 18.20 1.87 20.13
C LEU A 170 19.08 2.41 19.02
N CYS A 171 19.75 3.54 19.28
CA CYS A 171 20.74 4.07 18.35
C CYS A 171 22.00 3.23 18.37
N ASN A 172 22.39 2.80 19.56
CA ASN A 172 23.50 1.89 19.66
C ASN A 172 23.25 1.01 20.88
N PRO A 173 23.98 -0.12 21.01
CA PRO A 173 23.70 -1.11 22.05
C PRO A 173 24.10 -0.73 23.48
N LYS A 174 24.81 0.39 23.68
CA LYS A 174 25.37 0.72 24.98
C LYS A 174 24.62 1.88 25.65
N ARG A 175 24.05 2.78 24.85
CA ARG A 175 23.31 3.93 25.36
C ARG A 175 21.81 3.63 25.44
N SER A 176 21.06 4.53 26.07
CA SER A 176 19.61 4.42 26.13
C SER A 176 18.94 5.26 25.06
N ALA A 177 19.70 5.93 24.20
CA ALA A 177 19.11 6.73 23.13
C ALA A 177 18.28 5.85 22.18
N ILE A 178 17.13 6.34 21.71
CA ILE A 178 16.29 5.59 20.78
C ILE A 178 15.81 6.49 19.63
N LYS A 179 15.20 5.85 18.62
CA LYS A 179 14.47 6.54 17.55
C LYS A 179 13.29 5.70 17.11
N ILE A 180 12.28 6.35 16.53
CA ILE A 180 11.14 5.65 15.97
C ILE A 180 11.43 5.38 14.52
N VAL A 181 11.03 4.21 14.05
CA VAL A 181 11.12 3.86 12.65
C VAL A 181 9.75 3.52 12.10
N ASP A 182 9.67 3.47 10.77
CA ASP A 182 8.61 2.82 9.99
C ASP A 182 7.33 3.66 9.96
N PHE A 183 7.28 4.55 8.97
CA PHE A 183 6.19 5.49 8.79
C PHE A 183 5.31 5.06 7.61
N GLY A 184 5.38 3.76 7.28
CA GLY A 184 4.69 3.21 6.13
C GLY A 184 3.17 3.16 6.32
N SER A 185 2.71 3.13 7.57
CA SER A 185 1.30 3.11 7.84
C SER A 185 0.82 4.48 8.30
N SER A 186 1.67 5.49 8.11
CA SER A 186 1.47 6.81 8.69
C SER A 186 0.63 7.70 7.80
N CYS A 187 0.13 8.76 8.41
CA CYS A 187 -0.77 9.71 7.81
C CYS A 187 -0.69 11.02 8.62
N GLN A 188 -1.02 12.12 7.94
CA GLN A 188 -1.20 13.43 8.53
C GLN A 188 -2.65 13.60 8.97
N LEU A 189 -2.85 14.48 9.95
CA LEU A 189 -4.15 14.72 10.55
C LEU A 189 -5.19 15.03 9.48
N GLY A 190 -6.38 14.42 9.60
CA GLY A 190 -7.50 14.76 8.74
C GLY A 190 -7.78 13.75 7.63
N GLN A 191 -6.79 12.94 7.22
CA GLN A 191 -6.96 11.96 6.14
C GLN A 191 -7.40 10.62 6.75
N ARG A 192 -8.71 10.46 6.89
CA ARG A 192 -9.33 9.53 7.83
C ARG A 192 -9.90 8.34 7.09
N ILE A 193 -9.34 8.05 5.91
CA ILE A 193 -9.88 7.09 4.96
C ILE A 193 -9.50 5.67 5.42
N TYR A 194 -8.31 5.56 6.05
CA TYR A 194 -7.90 4.34 6.74
C TYR A 194 -8.85 4.07 7.93
N GLN A 195 -9.15 2.78 8.19
CA GLN A 195 -9.86 2.30 9.39
C GLN A 195 -9.33 0.89 9.72
N ILE A 197 -6.79 0.46 11.75
CA ILE A 197 -5.33 0.80 11.76
C ILE A 197 -4.70 0.50 13.12
N GLN A 198 -3.38 0.65 13.18
CA GLN A 198 -2.54 0.33 14.33
C GLN A 198 -2.47 -1.18 14.47
N SER A 199 -1.43 -1.62 15.16
CA SER A 199 -1.30 -3.01 15.54
C SER A 199 -2.23 -3.29 16.71
N ARG A 200 -3.06 -4.31 16.55
CA ARG A 200 -4.13 -4.64 17.49
C ARG A 200 -3.77 -4.36 18.95
N PHE A 201 -2.62 -4.88 19.41
CA PHE A 201 -2.32 -4.80 20.82
C PHE A 201 -2.28 -3.34 21.25
N TYR A 202 -1.91 -2.43 20.33
CA TYR A 202 -1.70 -1.04 20.63
C TYR A 202 -2.82 -0.18 20.02
N ARG A 203 -3.93 -0.81 19.65
CA ARG A 203 -4.98 -0.05 18.99
C ARG A 203 -5.82 0.70 20.02
N SER A 204 -5.98 2.01 19.77
CA SER A 204 -6.74 2.94 20.59
C SER A 204 -8.23 2.65 20.53
N PRO A 205 -8.96 3.02 21.58
CA PRO A 205 -10.41 2.76 21.62
C PRO A 205 -11.08 3.40 20.43
N GLU A 206 -10.64 4.62 20.08
CA GLU A 206 -11.30 5.38 19.03
C GLU A 206 -11.27 4.60 17.71
N VAL A 207 -10.13 3.96 17.41
CA VAL A 207 -10.00 3.21 16.17
C VAL A 207 -10.79 1.92 16.27
N LEU A 208 -10.65 1.23 17.40
CA LEU A 208 -11.45 0.04 17.67
C LEU A 208 -12.92 0.36 17.44
N LEU A 209 -13.36 1.57 17.78
CA LEU A 209 -14.78 1.88 17.77
C LEU A 209 -15.19 2.48 16.43
N GLY A 210 -14.23 2.70 15.52
CA GLY A 210 -14.56 3.18 14.19
C GLY A 210 -14.74 4.69 14.16
N MET A 211 -14.19 5.36 15.17
CA MET A 211 -14.45 6.76 15.34
C MET A 211 -13.34 7.57 14.65
N PRO A 212 -13.55 8.88 14.47
CA PRO A 212 -12.50 9.72 13.90
C PRO A 212 -11.36 9.66 14.90
N TYR A 213 -10.15 9.84 14.40
CA TYR A 213 -8.98 9.72 15.23
C TYR A 213 -8.00 10.83 14.85
N ASP A 214 -7.11 11.12 15.78
CA ASP A 214 -6.13 12.18 15.61
C ASP A 214 -4.85 11.65 16.22
N LEU A 215 -3.92 12.56 16.58
CA LEU A 215 -2.56 12.19 16.95
C LEU A 215 -2.52 11.52 18.32
N ALA A 216 -3.58 11.65 19.09
CA ALA A 216 -3.65 11.05 20.40
C ALA A 216 -3.63 9.53 20.33
N ILE A 217 -3.89 8.94 19.16
CA ILE A 217 -3.86 7.49 19.09
C ILE A 217 -2.43 6.99 19.32
N ASP A 218 -1.43 7.80 19.02
CA ASP A 218 -0.05 7.40 19.25
C ASP A 218 0.17 7.34 20.75
N MET A 219 -0.45 8.25 21.50
CA MET A 219 -0.24 8.37 22.93
C MET A 219 -0.82 7.16 23.65
N TRP A 220 -1.99 6.69 23.18
CA TRP A 220 -2.57 5.43 23.60
C TRP A 220 -1.59 4.27 23.39
N SER A 221 -1.04 4.19 22.19
CA SER A 221 0.00 3.22 21.86
C SER A 221 1.17 3.32 22.83
N LEU A 222 1.61 4.55 23.12
CA LEU A 222 2.78 4.76 23.94
C LEU A 222 2.53 4.26 25.36
N GLY A 223 1.35 4.57 25.91
CA GLY A 223 0.93 4.08 27.23
C GLY A 223 1.08 2.58 27.33
N CYS A 224 0.51 1.86 26.35
CA CYS A 224 0.61 0.41 26.26
C CYS A 224 2.09 -0.03 26.25
N ILE A 225 2.90 0.69 25.48
CA ILE A 225 4.30 0.31 25.28
C ILE A 225 5.13 0.43 26.56
N LEU A 226 4.91 1.51 27.30
CA LEU A 226 5.75 1.76 28.46
C LEU A 226 5.43 0.76 29.56
N VAL A 227 4.18 0.32 29.65
CA VAL A 227 3.82 -0.71 30.63
C VAL A 227 4.59 -1.98 30.27
N GLU A 228 4.40 -2.39 29.00
CA GLU A 228 5.05 -3.56 28.42
C GLU A 228 6.56 -3.49 28.60
N MET A 229 7.18 -2.32 28.45
CA MET A 229 8.62 -2.26 28.62
C MET A 229 9.07 -2.61 30.05
N HIS A 230 8.23 -2.35 31.05
CA HIS A 230 8.59 -2.61 32.44
C HIS A 230 8.13 -3.99 32.91
N THR A 231 6.93 -4.44 32.48
CA THR A 231 6.44 -5.76 32.87
C THR A 231 7.04 -6.85 31.99
N GLY A 232 7.44 -6.46 30.78
CA GLY A 232 7.99 -7.37 29.80
C GLY A 232 6.93 -7.93 28.87
N GLU A 233 5.67 -7.59 29.11
CA GLU A 233 4.53 -8.30 28.57
C GLU A 233 3.58 -7.27 27.95
N PRO A 234 2.92 -7.54 26.80
CA PRO A 234 1.87 -6.65 26.30
C PRO A 234 0.82 -6.40 27.37
N LEU A 235 0.34 -5.16 27.46
CA LEU A 235 -0.66 -4.83 28.46
C LEU A 235 -1.99 -5.48 28.08
N PHE A 236 -2.32 -5.35 26.79
CA PHE A 236 -3.64 -5.68 26.27
C PHE A 236 -3.46 -6.57 25.04
N SER A 237 -3.27 -7.87 25.28
CA SER A 237 -2.91 -8.83 24.24
C SER A 237 -4.11 -9.50 23.59
N GLY A 238 -4.93 -8.74 22.88
CA GLY A 238 -6.09 -9.30 22.20
C GLY A 238 -5.70 -10.22 21.05
N ALA A 239 -6.45 -11.32 20.91
CA ALA A 239 -6.35 -12.23 19.77
C ALA A 239 -7.28 -11.78 18.63
N ASN A 240 -8.17 -10.81 18.90
CA ASN A 240 -8.96 -10.10 17.91
C ASN A 240 -9.54 -8.86 18.57
N GLU A 241 -10.32 -8.09 17.79
CA GLU A 241 -10.83 -6.81 18.24
C GLU A 241 -11.75 -6.98 19.46
N VAL A 242 -12.63 -7.97 19.43
CA VAL A 242 -13.50 -8.24 20.58
C VAL A 242 -12.63 -8.58 21.78
N ASP A 243 -11.63 -9.44 21.59
CA ASP A 243 -10.78 -9.86 22.69
C ASP A 243 -10.00 -8.63 23.21
N GLN A 244 -9.71 -7.70 22.28
CA GLN A 244 -8.90 -6.53 22.56
C GLN A 244 -9.72 -5.51 23.35
N MET A 245 -10.92 -5.18 22.89
CA MET A 245 -11.74 -4.20 23.58
C MET A 245 -12.06 -4.76 24.97
N ASN A 246 -12.34 -6.06 25.06
CA ASN A 246 -12.59 -6.70 26.34
C ASN A 246 -11.38 -6.57 27.28
N LYS A 247 -10.16 -6.67 26.78
CA LYS A 247 -9.00 -6.66 27.67
C LYS A 247 -8.77 -5.23 28.18
N ILE A 248 -9.04 -4.24 27.34
CA ILE A 248 -9.01 -2.84 27.73
C ILE A 248 -10.07 -2.61 28.82
N VAL A 249 -11.26 -3.17 28.63
CA VAL A 249 -12.34 -2.94 29.58
C VAL A 249 -12.05 -3.63 30.92
N GLU A 250 -11.45 -4.83 30.92
CA GLU A 250 -10.95 -5.38 32.17
C GLU A 250 -10.28 -4.30 33.03
N VAL A 251 -9.40 -3.51 32.42
CA VAL A 251 -8.47 -2.71 33.20
C VAL A 251 -9.05 -1.32 33.51
N LEU A 252 -9.79 -0.78 32.54
CA LEU A 252 -10.20 0.60 32.53
C LEU A 252 -11.72 0.74 32.56
N GLY A 253 -12.46 -0.36 32.45
CA GLY A 253 -13.90 -0.30 32.64
C GLY A 253 -14.62 0.13 31.36
N ILE A 254 -15.94 0.28 31.48
CA ILE A 254 -16.75 0.59 30.32
C ILE A 254 -16.37 1.97 29.82
N PRO A 255 -16.16 2.17 28.51
CA PRO A 255 -15.91 3.51 27.97
C PRO A 255 -17.01 4.48 28.38
N PRO A 256 -16.73 5.80 28.39
CA PRO A 256 -17.74 6.80 28.72
C PRO A 256 -18.89 6.77 27.71
N ALA A 257 -20.09 7.06 28.21
CA ALA A 257 -21.30 6.88 27.44
C ALA A 257 -21.32 7.82 26.24
N HIS A 258 -20.81 9.05 26.42
CA HIS A 258 -20.88 10.07 25.37
C HIS A 258 -19.96 9.70 24.19
N ILE A 259 -19.06 8.72 24.39
CA ILE A 259 -18.22 8.21 23.32
C ILE A 259 -18.94 7.04 22.63
N LEU A 260 -19.52 6.14 23.42
CA LEU A 260 -20.16 4.97 22.83
C LEU A 260 -21.38 5.40 22.02
N ASP A 261 -22.06 6.47 22.45
CA ASP A 261 -23.24 6.98 21.78
C ASP A 261 -22.91 7.38 20.33
N GLN A 262 -21.68 7.90 20.16
CA GLN A 262 -21.20 8.45 18.89
C GLN A 262 -20.44 7.42 18.05
N ALA A 263 -20.28 6.17 18.52
CA ALA A 263 -19.31 5.21 17.97
C ALA A 263 -19.94 4.25 16.98
N PRO A 264 -19.57 4.28 15.68
CA PRO A 264 -20.15 3.38 14.70
C PRO A 264 -20.06 1.90 15.04
N LYS A 265 -19.01 1.50 15.77
CA LYS A 265 -18.77 0.09 15.97
C LYS A 265 -19.07 -0.30 17.41
N ALA A 266 -19.76 0.59 18.14
CA ALA A 266 -20.09 0.38 19.54
C ALA A 266 -20.65 -1.02 19.77
N ARG A 267 -21.59 -1.42 18.89
CA ARG A 267 -22.33 -2.66 19.02
C ARG A 267 -21.53 -3.85 18.52
N LYS A 268 -20.26 -3.65 18.16
CA LYS A 268 -19.34 -4.77 18.04
C LYS A 268 -18.93 -5.33 19.42
N PHE A 269 -19.07 -4.55 20.49
CA PHE A 269 -18.58 -4.98 21.80
C PHE A 269 -19.59 -4.74 22.93
N PHE A 270 -20.53 -3.81 22.72
CA PHE A 270 -21.39 -3.35 23.80
C PHE A 270 -22.86 -3.44 23.36
N GLU A 271 -23.74 -3.45 24.35
CA GLU A 271 -25.17 -3.33 24.16
C GLU A 271 -25.64 -2.37 25.25
N LYS A 272 -26.96 -2.22 25.39
CA LYS A 272 -27.53 -1.45 26.49
C LYS A 272 -28.35 -2.38 27.38
N LEU A 273 -28.30 -2.11 28.68
CA LEU A 273 -29.17 -2.73 29.66
C LEU A 273 -30.51 -2.00 29.64
N PRO A 274 -31.60 -2.55 30.22
CA PRO A 274 -32.87 -1.81 30.33
C PRO A 274 -32.85 -0.42 30.99
N ASP A 275 -31.88 -0.16 31.88
CA ASP A 275 -31.71 1.17 32.45
C ASP A 275 -31.06 2.13 31.45
N GLY A 276 -30.84 1.64 30.21
CA GLY A 276 -30.35 2.43 29.10
C GLY A 276 -28.82 2.62 29.07
N THR A 277 -28.05 1.92 29.92
CA THR A 277 -26.61 2.18 30.02
C THR A 277 -25.82 1.07 29.34
N TRP A 278 -24.65 1.46 28.86
CA TRP A 278 -23.79 0.60 28.08
C TRP A 278 -23.11 -0.42 28.97
N ASN A 279 -22.94 -1.62 28.41
CA ASN A 279 -22.27 -2.73 29.06
C ASN A 279 -21.79 -3.67 27.96
N LEU A 280 -20.98 -4.68 28.34
CA LEU A 280 -20.40 -5.61 27.38
C LEU A 280 -21.43 -6.61 26.86
N LYS A 281 -21.02 -7.37 25.82
CA LYS A 281 -21.82 -8.43 25.25
C LYS A 281 -21.42 -9.81 25.80
N LYS A 282 -20.11 -10.13 25.80
CA LYS A 282 -19.63 -11.35 26.46
C LYS A 282 -18.21 -11.11 27.04
N GLU A 289 -13.84 -16.29 29.61
CA GLU A 289 -14.71 -15.38 30.40
C GLU A 289 -13.82 -14.41 31.18
N TYR A 290 -14.12 -13.12 31.06
CA TYR A 290 -13.25 -12.04 31.49
C TYR A 290 -13.59 -11.55 32.89
N LYS A 291 -12.59 -10.88 33.50
CA LYS A 291 -12.76 -10.20 34.77
C LYS A 291 -13.72 -9.02 34.57
N PRO A 292 -14.50 -8.67 35.61
CA PRO A 292 -15.51 -7.61 35.48
C PRO A 292 -14.87 -6.26 35.18
N PRO A 293 -15.60 -5.31 34.53
CA PRO A 293 -14.99 -4.06 34.10
C PRO A 293 -14.23 -3.31 35.19
N GLY A 294 -12.96 -3.01 34.89
CA GLY A 294 -12.13 -2.12 35.70
C GLY A 294 -11.58 -2.79 36.96
N THR A 295 -11.63 -4.13 37.03
CA THR A 295 -11.16 -4.85 38.21
C THR A 295 -9.76 -5.39 38.00
N ARG A 296 -9.18 -5.28 36.81
CA ARG A 296 -7.83 -5.74 36.59
C ARG A 296 -6.93 -4.51 36.68
N LYS A 297 -6.55 -4.13 37.89
CA LYS A 297 -6.09 -2.78 38.12
C LYS A 297 -4.65 -2.64 37.63
N LEU A 298 -4.34 -1.45 37.12
CA LEU A 298 -2.99 -1.16 36.70
C LEU A 298 -2.08 -1.12 37.94
N HIS A 299 -2.69 -0.83 39.09
CA HIS A 299 -2.01 -0.81 40.39
C HIS A 299 -1.32 -2.16 40.68
N ASN A 300 -1.96 -3.26 40.27
CA ASN A 300 -1.41 -4.60 40.46
C ASN A 300 -0.58 -5.07 39.28
N ILE A 301 -0.93 -4.66 38.07
CA ILE A 301 -0.09 -4.95 36.92
C ILE A 301 1.32 -4.39 37.17
N LEU A 302 1.38 -3.18 37.68
CA LEU A 302 2.66 -2.56 37.91
C LEU A 302 3.25 -2.97 39.24
N GLY A 303 2.41 -3.48 40.15
CA GLY A 303 2.88 -3.95 41.46
C GLY A 303 3.38 -2.81 42.36
N VAL A 304 2.67 -1.67 42.30
CA VAL A 304 3.06 -0.44 42.98
C VAL A 304 3.54 -0.72 44.40
N GLU A 305 2.76 -1.51 45.14
CA GLU A 305 3.03 -1.75 46.55
C GLU A 305 3.71 -3.10 46.76
N THR A 306 3.92 -3.87 45.69
CA THR A 306 4.19 -5.30 45.83
C THR A 306 5.50 -5.62 45.14
N GLY A 307 6.44 -4.66 45.07
CA GLY A 307 7.81 -4.93 44.63
C GLY A 307 7.96 -4.86 43.10
N GLY A 308 7.00 -4.19 42.46
CA GLY A 308 6.98 -4.00 41.01
C GLY A 308 6.44 -5.23 40.31
N PRO A 309 6.52 -5.30 38.96
CA PRO A 309 6.04 -6.46 38.21
C PRO A 309 6.54 -7.79 38.77
N GLY A 310 5.59 -8.63 39.23
CA GLY A 310 5.88 -9.95 39.72
C GLY A 310 6.74 -9.89 40.97
N GLY A 311 6.83 -8.71 41.58
CA GLY A 311 7.55 -8.49 42.83
C GLY A 311 9.08 -8.48 42.66
N ARG A 312 9.58 -8.31 41.42
CA ARG A 312 10.97 -8.61 41.10
C ARG A 312 11.88 -7.41 41.34
N ARG A 313 11.26 -6.26 41.60
CA ARG A 313 12.01 -5.05 41.88
C ARG A 313 11.93 -4.68 43.36
N ALA A 314 11.46 -5.61 44.20
CA ALA A 314 11.47 -5.43 45.66
C ALA A 314 12.86 -4.98 46.13
N GLY A 315 12.92 -3.77 46.70
CA GLY A 315 14.13 -3.26 47.31
C GLY A 315 15.02 -2.49 46.34
N GLU A 316 14.92 -2.78 45.03
N GLU A 316 14.87 -2.75 45.03
CA GLU A 316 15.83 -2.22 44.04
CA GLU A 316 15.76 -2.18 44.03
C GLU A 316 15.62 -0.72 43.99
C GLU A 316 15.61 -0.67 44.03
N SER A 317 16.72 0.04 43.88
CA SER A 317 16.69 1.48 43.88
C SER A 317 15.88 2.01 42.69
N GLY A 318 15.20 3.15 42.88
CA GLY A 318 14.45 3.79 41.80
C GLY A 318 13.06 3.16 41.57
N HIS A 319 12.68 2.21 42.43
CA HIS A 319 11.43 1.49 42.29
C HIS A 319 10.66 1.57 43.60
N THR A 320 10.50 2.79 44.11
CA THR A 320 9.72 3.00 45.33
C THR A 320 8.22 3.06 45.00
N VAL A 321 7.43 2.88 46.06
CA VAL A 321 6.00 3.05 45.99
C VAL A 321 5.70 4.39 45.33
N ALA A 322 6.41 5.43 45.78
CA ALA A 322 6.24 6.79 45.28
C ALA A 322 6.45 6.84 43.78
N ASP A 323 7.58 6.23 43.35
CA ASP A 323 7.96 6.18 41.94
C ASP A 323 6.91 5.43 41.11
N TYR A 324 6.43 4.28 41.60
CA TYR A 324 5.42 3.53 40.87
C TYR A 324 4.12 4.31 40.74
N LEU A 325 3.81 5.15 41.73
CA LEU A 325 2.58 5.93 41.74
C LEU A 325 2.64 7.05 40.72
N LYS A 326 3.81 7.66 40.59
CA LYS A 326 4.00 8.65 39.56
C LYS A 326 3.79 7.99 38.19
N PHE A 327 4.38 6.82 38.01
CA PHE A 327 4.37 6.14 36.73
C PHE A 327 2.95 5.72 36.35
N LYS A 328 2.26 5.08 37.29
CA LYS A 328 0.85 4.70 37.17
C LYS A 328 0.00 5.88 36.73
N ASP A 329 0.19 7.04 37.39
CA ASP A 329 -0.58 8.23 37.05
C ASP A 329 -0.32 8.70 35.62
N LEU A 330 0.94 8.59 35.14
CA LEU A 330 1.27 8.98 33.78
C LEU A 330 0.51 8.10 32.79
N ILE A 331 0.51 6.78 33.06
CA ILE A 331 0.00 5.76 32.17
C ILE A 331 -1.50 5.93 32.04
N LEU A 332 -2.20 6.00 33.16
CA LEU A 332 -3.64 6.16 33.18
C LEU A 332 -4.02 7.42 32.39
N ARG A 333 -3.16 8.43 32.44
CA ARG A 333 -3.40 9.64 31.67
C ARG A 333 -3.20 9.42 30.17
N MET A 334 -2.30 8.50 29.79
CA MET A 334 -2.11 8.16 28.39
C MET A 334 -3.19 7.18 27.94
N LEU A 335 -3.78 6.44 28.88
CA LEU A 335 -4.78 5.46 28.53
C LEU A 335 -6.19 6.00 28.79
N ASP A 336 -6.32 7.31 28.79
CA ASP A 336 -7.59 7.99 28.90
C ASP A 336 -8.43 7.57 27.70
N TYR A 337 -9.65 7.14 27.98
CA TYR A 337 -10.54 6.71 26.92
C TYR A 337 -10.82 7.84 25.97
N ASP A 338 -10.86 9.07 26.50
CA ASP A 338 -11.33 10.23 25.75
C ASP A 338 -10.13 10.92 25.09
N PRO A 339 -10.08 10.93 23.73
CA PRO A 339 -8.91 11.46 23.02
C PRO A 339 -8.72 12.95 23.26
N LYS A 340 -9.77 13.62 23.74
CA LYS A 340 -9.71 15.06 24.01
C LYS A 340 -8.92 15.34 25.26
N THR A 341 -9.13 14.53 26.31
CA THR A 341 -8.50 14.71 27.62
C THR A 341 -7.20 13.90 27.74
N ARG A 342 -6.97 12.93 26.87
CA ARG A 342 -5.78 12.10 26.98
C ARG A 342 -4.55 13.00 27.02
N ILE A 343 -3.59 12.68 27.88
CA ILE A 343 -2.47 13.58 28.08
C ILE A 343 -1.74 13.80 26.76
N GLN A 344 -1.26 15.03 26.58
CA GLN A 344 -0.60 15.47 25.37
C GLN A 344 0.90 15.52 25.61
N PRO A 345 1.72 15.26 24.57
CA PRO A 345 3.18 15.13 24.75
C PRO A 345 3.79 16.13 25.73
N TYR A 346 3.43 17.41 25.53
CA TYR A 346 4.05 18.48 26.28
C TYR A 346 3.83 18.27 27.77
N TYR A 347 2.61 17.92 28.18
CA TYR A 347 2.30 17.90 29.59
C TYR A 347 2.75 16.58 30.17
N ALA A 348 3.00 15.61 29.28
CA ALA A 348 3.49 14.31 29.68
C ALA A 348 4.92 14.47 30.10
N LEU A 349 5.63 15.34 29.40
CA LEU A 349 6.99 15.71 29.77
C LEU A 349 7.00 16.54 31.06
N GLN A 350 5.90 17.24 31.36
CA GLN A 350 5.88 17.99 32.63
C GLN A 350 5.44 17.12 33.80
N HIS A 351 5.29 15.81 33.59
CA HIS A 351 4.72 14.95 34.62
C HIS A 351 5.80 14.69 35.66
N SER A 352 5.36 14.48 36.91
CA SER A 352 6.29 14.37 38.01
C SER A 352 7.14 13.10 37.88
N PHE A 353 6.72 12.18 37.01
CA PHE A 353 7.48 10.97 36.75
C PHE A 353 8.85 11.32 36.17
N PHE A 354 8.99 12.50 35.57
CA PHE A 354 10.25 12.90 34.95
C PHE A 354 10.99 13.95 35.78
N LYS A 355 10.44 14.50 36.89
CA LYS A 355 11.20 15.45 37.71
C LYS A 355 12.48 14.78 38.28
N VAL B 10 0.77 -16.58 10.94
CA VAL B 10 0.11 -16.85 9.63
C VAL B 10 -1.27 -17.48 9.88
N TYR B 11 -2.11 -16.87 10.76
CA TYR B 11 -3.18 -17.57 11.45
C TYR B 11 -4.54 -16.84 11.35
N ASN B 12 -4.72 -15.69 12.04
CA ASN B 12 -6.05 -15.07 12.21
C ASN B 12 -7.09 -16.09 12.72
N ASP B 13 -6.77 -16.85 13.79
CA ASP B 13 -7.65 -17.89 14.30
C ASP B 13 -7.95 -18.98 13.25
N GLY B 14 -7.03 -19.23 12.30
CA GLY B 14 -7.17 -20.34 11.36
C GLY B 14 -7.77 -19.93 10.01
N TYR B 15 -8.25 -18.68 9.90
CA TYR B 15 -8.89 -18.13 8.72
C TYR B 15 -7.90 -17.60 7.69
N ASP B 16 -6.64 -17.35 8.03
CA ASP B 16 -5.71 -16.76 7.07
C ASP B 16 -4.62 -17.77 6.74
N ASP B 17 -4.06 -17.66 5.53
CA ASP B 17 -2.92 -18.46 5.10
C ASP B 17 -1.62 -17.65 5.26
N ASP B 18 -0.50 -18.28 4.89
CA ASP B 18 0.83 -17.66 4.84
C ASP B 18 0.83 -16.32 4.11
N ASN B 19 -0.04 -16.16 3.10
CA ASN B 19 0.03 -14.98 2.25
C ASN B 19 -1.00 -13.95 2.70
N TYR B 20 -1.56 -14.14 3.88
CA TYR B 20 -2.45 -13.14 4.44
C TYR B 20 -3.83 -13.20 3.80
N ASP B 21 -4.13 -14.15 2.91
CA ASP B 21 -5.45 -14.24 2.32
C ASP B 21 -6.44 -15.02 3.18
N TYR B 22 -7.70 -14.60 3.11
CA TYR B 22 -8.79 -15.37 3.67
C TYR B 22 -8.92 -16.74 3.00
N ILE B 23 -9.08 -17.78 3.83
CA ILE B 23 -9.12 -19.15 3.37
C ILE B 23 -10.56 -19.46 3.00
N VAL B 24 -10.87 -19.33 1.71
CA VAL B 24 -12.25 -19.31 1.26
C VAL B 24 -12.81 -20.72 1.39
N LYS B 25 -14.00 -20.80 1.99
CA LYS B 25 -14.75 -22.05 2.09
C LYS B 25 -16.09 -21.88 1.36
N ASN B 26 -16.35 -22.76 0.38
CA ASN B 26 -17.60 -22.69 -0.36
C ASN B 26 -18.78 -22.96 0.59
N GLY B 27 -19.92 -22.33 0.30
CA GLY B 27 -21.16 -22.49 1.03
C GLY B 27 -21.20 -21.71 2.34
N GLU B 28 -20.09 -21.07 2.74
CA GLU B 28 -20.04 -20.26 3.96
C GLU B 28 -21.04 -19.13 3.77
N LYS B 29 -21.66 -18.69 4.88
CA LYS B 29 -22.67 -17.65 4.82
C LYS B 29 -22.29 -16.53 5.75
N TRP B 30 -22.22 -15.33 5.20
CA TRP B 30 -21.73 -14.15 5.89
C TRP B 30 -22.87 -13.20 6.22
N MET B 31 -22.93 -12.79 7.49
CA MET B 31 -23.84 -11.72 7.93
C MET B 31 -25.27 -12.06 7.53
N ASP B 32 -25.61 -13.35 7.53
CA ASP B 32 -26.94 -13.79 7.16
C ASP B 32 -27.41 -13.12 5.85
N ARG B 33 -26.45 -12.93 4.93
CA ARG B 33 -26.74 -12.23 3.69
C ARG B 33 -26.07 -12.90 2.49
N TYR B 34 -24.74 -13.06 2.53
CA TYR B 34 -24.02 -13.58 1.39
C TYR B 34 -23.67 -15.04 1.63
N GLU B 35 -23.84 -15.86 0.58
CA GLU B 35 -23.41 -17.24 0.58
C GLU B 35 -22.24 -17.36 -0.38
N ILE B 36 -21.06 -17.73 0.11
CA ILE B 36 -19.90 -17.80 -0.76
C ILE B 36 -20.06 -18.99 -1.71
N ASP B 37 -20.02 -18.74 -3.03
CA ASP B 37 -20.16 -19.83 -4.01
C ASP B 37 -18.80 -20.42 -4.36
N SER B 38 -17.88 -19.60 -4.89
CA SER B 38 -16.58 -20.11 -5.31
C SER B 38 -15.55 -19.00 -5.40
N LEU B 39 -14.25 -19.38 -5.40
CA LEU B 39 -13.13 -18.49 -5.71
C LEU B 39 -13.05 -18.26 -7.21
N ILE B 40 -13.16 -16.99 -7.62
CA ILE B 40 -13.16 -16.66 -9.05
C ILE B 40 -11.71 -16.55 -9.52
N GLY B 41 -10.89 -15.91 -8.68
CA GLY B 41 -9.50 -15.70 -9.01
C GLY B 41 -8.77 -15.05 -7.84
N LYS B 42 -7.44 -15.13 -7.90
CA LYS B 42 -6.57 -14.50 -6.94
C LYS B 42 -5.85 -13.36 -7.65
N GLY B 43 -5.47 -12.35 -6.89
CA GLY B 43 -4.67 -11.25 -7.38
C GLY B 43 -3.75 -10.76 -6.27
N SER B 44 -2.91 -9.78 -6.59
CA SER B 44 -1.88 -9.35 -5.67
C SER B 44 -2.49 -8.75 -4.41
N PHE B 45 -3.80 -8.37 -4.47
CA PHE B 45 -4.50 -7.66 -3.39
C PHE B 45 -5.28 -8.60 -2.49
N GLY B 46 -5.30 -9.86 -2.86
CA GLY B 46 -6.09 -10.87 -2.19
C GLY B 46 -6.85 -11.72 -3.21
N GLN B 47 -8.18 -11.75 -3.10
CA GLN B 47 -8.95 -12.73 -3.87
C GLN B 47 -10.26 -12.13 -4.32
N VAL B 48 -10.89 -12.77 -5.30
CA VAL B 48 -12.24 -12.38 -5.65
C VAL B 48 -13.06 -13.65 -5.66
N VAL B 49 -14.11 -13.66 -4.85
CA VAL B 49 -15.02 -14.78 -4.80
C VAL B 49 -16.37 -14.37 -5.36
N LYS B 50 -17.09 -15.38 -5.84
CA LYS B 50 -18.45 -15.21 -6.31
C LYS B 50 -19.40 -15.54 -5.16
N ALA B 51 -20.31 -14.64 -4.84
CA ALA B 51 -21.27 -14.91 -3.77
C ALA B 51 -22.69 -14.58 -4.23
N TYR B 52 -23.66 -15.23 -3.60
CA TYR B 52 -25.03 -14.86 -3.80
C TYR B 52 -25.39 -13.97 -2.63
N ASP B 53 -25.96 -12.80 -2.95
CA ASP B 53 -26.55 -11.91 -1.96
C ASP B 53 -28.04 -12.21 -1.86
N ARG B 54 -28.49 -12.83 -0.75
CA ARG B 54 -29.89 -13.21 -0.58
C ARG B 54 -30.81 -12.00 -0.46
N VAL B 55 -30.27 -10.84 -0.08
CA VAL B 55 -31.14 -9.68 0.07
C VAL B 55 -31.59 -9.15 -1.30
N GLU B 56 -30.60 -8.86 -2.17
CA GLU B 56 -30.85 -8.25 -3.47
C GLU B 56 -31.20 -9.32 -4.50
N GLN B 57 -31.01 -10.58 -4.11
CA GLN B 57 -31.24 -11.75 -4.95
C GLN B 57 -30.43 -11.63 -6.23
N GLU B 58 -29.10 -11.59 -6.12
CA GLU B 58 -28.23 -11.54 -7.28
C GLU B 58 -26.85 -12.08 -6.93
N TRP B 59 -26.11 -12.50 -7.94
CA TRP B 59 -24.71 -12.82 -7.75
C TRP B 59 -23.98 -11.51 -7.56
N VAL B 60 -22.87 -11.57 -6.82
CA VAL B 60 -21.94 -10.48 -6.63
C VAL B 60 -20.52 -11.07 -6.65
N ALA B 61 -19.54 -10.21 -6.88
CA ALA B 61 -18.14 -10.55 -6.74
C ALA B 61 -17.61 -9.80 -5.53
N ILE B 62 -17.01 -10.50 -4.57
CA ILE B 62 -16.43 -9.84 -3.40
C ILE B 62 -14.93 -9.91 -3.49
N LYS B 63 -14.32 -8.72 -3.58
CA LYS B 63 -12.87 -8.57 -3.53
C LYS B 63 -12.47 -8.68 -2.06
N ILE B 64 -11.95 -9.86 -1.69
CA ILE B 64 -11.46 -10.05 -0.34
C ILE B 64 -10.02 -9.58 -0.30
N ILE B 65 -9.78 -8.50 0.44
CA ILE B 65 -8.46 -7.92 0.57
C ILE B 65 -7.67 -8.71 1.61
N LYS B 66 -6.37 -8.83 1.34
CA LYS B 66 -5.45 -9.41 2.29
C LYS B 66 -5.43 -8.63 3.59
N ASN B 67 -5.21 -9.36 4.67
CA ASN B 67 -5.25 -8.85 6.02
C ASN B 67 -3.84 -8.35 6.40
N LYS B 68 -3.45 -7.26 5.76
CA LYS B 68 -2.18 -6.62 6.01
C LYS B 68 -2.37 -5.14 5.66
N LYS B 69 -1.70 -4.27 6.43
CA LYS B 69 -1.98 -2.84 6.40
C LYS B 69 -1.82 -2.32 4.97
N ALA B 70 -0.73 -2.74 4.32
CA ALA B 70 -0.39 -2.23 3.01
C ALA B 70 -1.54 -2.39 2.02
N PHE B 71 -2.17 -3.56 2.03
CA PHE B 71 -3.21 -3.88 1.05
C PHE B 71 -4.51 -3.23 1.47
N LEU B 72 -4.75 -3.23 2.79
CA LEU B 72 -5.93 -2.63 3.39
C LEU B 72 -6.02 -1.15 3.06
N ASN B 73 -4.90 -0.47 3.22
CA ASN B 73 -4.80 0.96 2.96
C ASN B 73 -4.85 1.20 1.46
N GLN B 74 -4.28 0.29 0.65
CA GLN B 74 -4.46 0.36 -0.79
C GLN B 74 -5.96 0.28 -1.13
N ALA B 75 -6.67 -0.69 -0.56
CA ALA B 75 -8.06 -0.89 -0.91
C ALA B 75 -8.95 0.26 -0.44
N GLN B 76 -8.51 0.96 0.62
N GLN B 76 -8.55 0.97 0.62
CA GLN B 76 -9.26 2.08 1.15
CA GLN B 76 -9.34 2.10 1.09
C GLN B 76 -9.22 3.24 0.15
C GLN B 76 -9.25 3.23 0.08
N ILE B 77 -8.03 3.48 -0.44
CA ILE B 77 -7.86 4.39 -1.55
C ILE B 77 -8.82 4.00 -2.69
N GLU B 78 -8.86 2.72 -3.03
CA GLU B 78 -9.67 2.24 -4.13
C GLU B 78 -11.15 2.55 -3.88
N VAL B 79 -11.59 2.41 -2.63
CA VAL B 79 -12.99 2.63 -2.28
C VAL B 79 -13.34 4.09 -2.46
N ARG B 80 -12.41 4.97 -2.09
CA ARG B 80 -12.64 6.41 -2.22
C ARG B 80 -12.92 6.74 -3.68
N LEU B 81 -12.04 6.23 -4.56
CA LEU B 81 -12.07 6.50 -6.00
C LEU B 81 -13.32 5.88 -6.62
N LEU B 82 -13.70 4.70 -6.14
CA LEU B 82 -14.80 3.99 -6.74
C LEU B 82 -16.11 4.67 -6.35
N GLU B 83 -16.24 5.06 -5.09
CA GLU B 83 -17.45 5.75 -4.67
C GLU B 83 -17.55 7.10 -5.38
N LEU B 84 -16.40 7.75 -5.60
CA LEU B 84 -16.39 9.00 -6.33
C LEU B 84 -16.82 8.78 -7.79
N MET B 85 -16.36 7.72 -8.46
CA MET B 85 -16.68 7.54 -9.86
C MET B 85 -18.15 7.15 -9.97
N ASN B 86 -18.58 6.26 -9.07
CA ASN B 86 -19.94 5.75 -9.12
C ASN B 86 -20.92 6.90 -8.92
N LYS B 87 -20.54 7.95 -8.16
CA LYS B 87 -21.41 9.12 -7.95
C LYS B 87 -21.72 9.84 -9.26
N HIS B 88 -20.72 9.99 -10.14
CA HIS B 88 -20.86 10.65 -11.44
C HIS B 88 -21.39 9.71 -12.54
N ASP B 89 -21.87 8.52 -12.17
CA ASP B 89 -22.26 7.53 -13.17
C ASP B 89 -23.34 6.63 -12.57
N THR B 90 -24.53 7.20 -12.33
CA THR B 90 -25.58 6.47 -11.63
C THR B 90 -26.23 5.45 -12.59
N GLU B 91 -26.03 5.61 -13.91
CA GLU B 91 -26.60 4.71 -14.91
C GLU B 91 -25.62 3.60 -15.34
N MET B 92 -24.38 3.61 -14.81
CA MET B 92 -23.36 2.59 -15.05
C MET B 92 -23.06 2.51 -16.55
N LYS B 93 -22.75 3.69 -17.08
CA LYS B 93 -22.86 4.10 -18.48
C LYS B 93 -21.46 4.22 -19.10
N TYR B 94 -20.43 4.39 -18.25
CA TYR B 94 -19.09 4.73 -18.71
C TYR B 94 -18.06 3.65 -18.34
N TYR B 95 -18.50 2.39 -18.18
CA TYR B 95 -17.62 1.24 -18.30
C TYR B 95 -16.65 1.08 -17.12
N ILE B 96 -17.02 1.58 -15.93
CA ILE B 96 -16.26 1.38 -14.69
C ILE B 96 -17.06 0.42 -13.83
N VAL B 97 -16.40 -0.60 -13.28
CA VAL B 97 -17.07 -1.55 -12.43
C VAL B 97 -17.76 -0.79 -11.30
N HIS B 98 -18.92 -1.28 -10.88
CA HIS B 98 -19.72 -0.64 -9.84
C HIS B 98 -19.49 -1.30 -8.48
N LEU B 99 -19.06 -0.49 -7.53
CA LEU B 99 -18.88 -0.94 -6.16
C LEU B 99 -20.21 -0.76 -5.42
N LYS B 100 -20.81 -1.89 -5.01
CA LYS B 100 -22.13 -1.83 -4.37
C LYS B 100 -22.00 -1.43 -2.89
N ARG B 101 -21.00 -2.00 -2.20
CA ARG B 101 -20.76 -1.71 -0.78
C ARG B 101 -19.48 -2.39 -0.30
N HIS B 102 -19.05 -2.03 0.91
CA HIS B 102 -17.88 -2.65 1.52
C HIS B 102 -18.14 -2.91 3.00
N PHE B 103 -17.36 -3.82 3.57
CA PHE B 103 -17.45 -4.12 4.99
C PHE B 103 -16.22 -4.91 5.40
N MET B 104 -15.95 -4.92 6.72
CA MET B 104 -14.96 -5.79 7.32
C MET B 104 -15.63 -7.12 7.66
N PHE B 105 -14.94 -8.23 7.36
CA PHE B 105 -15.40 -9.53 7.78
C PHE B 105 -14.21 -10.42 8.14
N ARG B 106 -14.18 -10.90 9.39
CA ARG B 106 -13.03 -11.65 9.89
C ARG B 106 -11.71 -10.97 9.49
N ASN B 107 -11.64 -9.67 9.76
CA ASN B 107 -10.44 -8.85 9.69
C ASN B 107 -9.95 -8.62 8.26
N HIS B 108 -10.84 -8.78 7.27
CA HIS B 108 -10.48 -8.45 5.91
C HIS B 108 -11.46 -7.44 5.38
N LEU B 109 -10.93 -6.49 4.61
CA LEU B 109 -11.74 -5.53 3.91
C LEU B 109 -12.26 -6.26 2.69
N CYS B 110 -13.59 -6.18 2.50
CA CYS B 110 -14.29 -6.82 1.42
C CYS B 110 -15.04 -5.78 0.61
N LEU B 111 -14.67 -5.63 -0.66
CA LEU B 111 -15.41 -4.76 -1.56
C LEU B 111 -16.38 -5.61 -2.36
N VAL B 112 -17.68 -5.30 -2.29
CA VAL B 112 -18.73 -6.02 -3.01
C VAL B 112 -18.99 -5.32 -4.36
N PHE B 113 -18.76 -6.05 -5.45
CA PHE B 113 -18.93 -5.52 -6.78
C PHE B 113 -20.04 -6.29 -7.48
N GLU B 114 -20.53 -5.71 -8.58
CA GLU B 114 -21.40 -6.41 -9.53
C GLU B 114 -20.65 -7.62 -10.06
N MET B 115 -21.38 -8.68 -10.36
CA MET B 115 -20.74 -9.84 -10.93
C MET B 115 -20.55 -9.54 -12.41
N LEU B 116 -19.29 -9.63 -12.84
CA LEU B 116 -18.97 -9.52 -14.26
C LEU B 116 -18.58 -10.91 -14.76
N SER B 117 -18.04 -10.97 -15.97
CA SER B 117 -17.63 -12.24 -16.52
C SER B 117 -16.11 -12.31 -16.48
N TYR B 118 -15.47 -12.79 -17.57
CA TYR B 118 -14.05 -13.05 -17.56
C TYR B 118 -13.26 -11.91 -18.17
N ASN B 119 -11.96 -11.88 -17.82
CA ASN B 119 -11.11 -10.75 -18.13
C ASN B 119 -10.49 -10.99 -19.50
N LEU B 120 -9.99 -9.92 -20.11
CA LEU B 120 -9.52 -9.94 -21.48
C LEU B 120 -8.18 -10.68 -21.58
N TYR B 121 -7.48 -10.89 -20.46
CA TYR B 121 -6.34 -11.79 -20.52
C TYR B 121 -6.85 -13.20 -20.81
N ASP B 122 -7.75 -13.69 -19.95
CA ASP B 122 -8.36 -14.99 -20.12
C ASP B 122 -9.08 -15.10 -21.47
N LEU B 123 -9.54 -13.99 -22.06
CA LEU B 123 -10.11 -14.07 -23.40
C LEU B 123 -8.99 -14.29 -24.41
N LEU B 124 -7.86 -13.64 -24.22
CA LEU B 124 -6.72 -13.94 -25.05
C LEU B 124 -6.30 -15.41 -24.90
N ARG B 125 -6.23 -15.94 -23.66
CA ARG B 125 -6.00 -17.37 -23.44
C ARG B 125 -6.93 -18.22 -24.31
N ASN B 126 -8.23 -17.92 -24.31
CA ASN B 126 -9.16 -18.69 -25.13
C ASN B 126 -8.79 -18.60 -26.62
N THR B 127 -8.10 -17.54 -27.07
CA THR B 127 -7.75 -17.43 -28.48
C THR B 127 -6.47 -18.19 -28.79
N ASN B 128 -5.96 -18.92 -27.78
CA ASN B 128 -4.63 -19.51 -27.83
C ASN B 128 -3.60 -18.45 -28.24
N PHE B 129 -3.73 -17.27 -27.60
CA PHE B 129 -2.86 -16.14 -27.81
C PHE B 129 -2.70 -15.84 -29.30
N ARG B 130 -3.78 -15.95 -30.08
CA ARG B 130 -3.74 -15.57 -31.49
C ARG B 130 -4.58 -14.31 -31.75
N GLY B 131 -5.23 -13.83 -30.70
CA GLY B 131 -5.92 -12.55 -30.75
C GLY B 131 -7.38 -12.69 -31.17
N VAL B 132 -8.14 -11.61 -30.99
CA VAL B 132 -9.54 -11.59 -31.34
C VAL B 132 -9.62 -10.79 -32.63
N SER B 133 -10.81 -10.76 -33.22
CA SER B 133 -10.99 -10.08 -34.49
C SER B 133 -10.71 -8.57 -34.37
N LEU B 134 -10.46 -7.96 -35.53
CA LEU B 134 -10.25 -6.53 -35.56
C LEU B 134 -11.54 -5.86 -35.09
N ASN B 135 -12.70 -6.46 -35.46
CA ASN B 135 -14.00 -5.91 -35.11
C ASN B 135 -14.21 -5.93 -33.60
N LEU B 136 -13.87 -7.05 -32.98
CA LEU B 136 -14.10 -7.18 -31.54
C LEU B 136 -13.12 -6.23 -30.87
N THR B 137 -11.91 -6.14 -31.44
CA THR B 137 -10.92 -5.18 -30.98
C THR B 137 -11.50 -3.77 -31.07
N ARG B 138 -12.29 -3.49 -32.12
CA ARG B 138 -12.84 -2.17 -32.33
C ARG B 138 -13.91 -1.86 -31.28
N LYS B 139 -14.65 -2.86 -30.83
CA LYS B 139 -15.61 -2.62 -29.77
C LYS B 139 -14.88 -2.33 -28.47
N PHE B 140 -13.83 -3.09 -28.16
CA PHE B 140 -13.09 -2.85 -26.94
C PHE B 140 -12.53 -1.43 -26.92
N ALA B 141 -12.02 -0.98 -28.05
CA ALA B 141 -11.36 0.31 -28.17
C ALA B 141 -12.31 1.48 -27.92
N GLN B 142 -13.48 1.37 -28.53
CA GLN B 142 -14.50 2.39 -28.41
C GLN B 142 -14.97 2.49 -26.96
N GLN B 143 -15.17 1.34 -26.33
CA GLN B 143 -15.54 1.33 -24.94
C GLN B 143 -14.39 1.88 -24.09
N MET B 144 -13.17 1.40 -24.32
CA MET B 144 -12.06 1.81 -23.48
C MET B 144 -11.87 3.32 -23.62
N CYS B 145 -12.06 3.85 -24.84
CA CYS B 145 -11.92 5.27 -25.10
C CYS B 145 -12.99 6.10 -24.39
N THR B 146 -14.23 5.63 -24.40
CA THR B 146 -15.28 6.30 -23.65
C THR B 146 -14.96 6.27 -22.15
N ALA B 147 -14.34 5.19 -21.67
CA ALA B 147 -14.09 5.06 -20.25
C ALA B 147 -13.05 6.07 -19.84
N LEU B 148 -12.01 6.16 -20.68
CA LEU B 148 -10.95 7.12 -20.48
C LEU B 148 -11.54 8.53 -20.59
N LEU B 149 -12.52 8.71 -21.47
CA LEU B 149 -13.17 10.00 -21.57
C LEU B 149 -13.79 10.34 -20.21
N PHE B 150 -14.51 9.38 -19.64
CA PHE B 150 -15.21 9.56 -18.38
C PHE B 150 -14.20 9.87 -17.27
N LEU B 151 -13.10 9.13 -17.23
CA LEU B 151 -12.13 9.31 -16.15
C LEU B 151 -11.51 10.71 -16.18
N ALA B 152 -11.43 11.32 -17.36
CA ALA B 152 -10.82 12.64 -17.52
C ALA B 152 -11.79 13.77 -17.19
N THR B 153 -13.04 13.45 -16.83
CA THR B 153 -13.90 14.47 -16.26
C THR B 153 -13.05 15.27 -15.27
N PRO B 154 -13.05 16.62 -15.33
CA PRO B 154 -12.30 17.42 -14.36
C PRO B 154 -12.50 16.96 -12.91
N GLU B 155 -13.76 16.75 -12.52
CA GLU B 155 -14.05 16.51 -11.13
C GLU B 155 -13.52 15.14 -10.73
N LEU B 156 -13.15 14.27 -11.69
CA LEU B 156 -12.54 12.99 -11.38
C LEU B 156 -11.02 13.09 -11.62
N SER B 157 -10.59 13.32 -12.86
CA SER B 157 -9.16 13.42 -13.22
C SER B 157 -8.39 12.24 -12.61
N ILE B 158 -8.95 11.04 -12.87
CA ILE B 158 -8.46 9.79 -12.34
C ILE B 158 -7.56 9.16 -13.38
N ILE B 159 -6.37 8.76 -12.95
CA ILE B 159 -5.45 7.97 -13.75
C ILE B 159 -5.56 6.53 -13.27
N HIS B 160 -5.92 5.60 -14.15
CA HIS B 160 -6.10 4.24 -13.70
C HIS B 160 -4.76 3.73 -13.27
N CYS B 161 -3.75 3.91 -14.13
CA CYS B 161 -2.36 3.60 -13.81
C CYS B 161 -2.02 2.11 -13.85
N ASP B 162 -2.97 1.23 -14.14
CA ASP B 162 -2.58 -0.16 -14.25
C ASP B 162 -3.47 -0.85 -15.28
N LEU B 163 -3.63 -0.23 -16.44
CA LEU B 163 -4.51 -0.79 -17.43
C LEU B 163 -3.78 -1.95 -18.08
N LYS B 164 -4.52 -3.02 -18.37
CA LYS B 164 -3.95 -4.19 -18.98
C LYS B 164 -5.06 -5.20 -19.09
N PRO B 165 -4.93 -6.21 -19.98
CA PRO B 165 -6.04 -7.13 -20.23
C PRO B 165 -6.72 -7.74 -19.00
N GLU B 166 -5.91 -8.11 -17.99
CA GLU B 166 -6.31 -8.59 -16.68
C GLU B 166 -7.36 -7.65 -16.06
N ASN B 167 -7.17 -6.33 -16.27
CA ASN B 167 -7.95 -5.31 -15.59
C ASN B 167 -9.11 -4.84 -16.47
N ILE B 168 -9.47 -5.60 -17.50
CA ILE B 168 -10.65 -5.30 -18.30
C ILE B 168 -11.52 -6.56 -18.37
N LEU B 169 -12.80 -6.50 -17.96
CA LEU B 169 -13.61 -7.70 -17.98
C LEU B 169 -14.82 -7.54 -18.92
N LEU B 170 -15.28 -8.68 -19.45
CA LEU B 170 -16.59 -8.75 -20.07
C LEU B 170 -17.67 -8.65 -18.99
N CYS B 171 -18.80 -8.04 -19.34
CA CYS B 171 -19.99 -8.14 -18.50
C CYS B 171 -20.63 -9.52 -18.71
N ASN B 172 -20.60 -10.02 -19.94
CA ASN B 172 -21.19 -11.32 -20.24
C ASN B 172 -20.27 -12.08 -21.18
N PRO B 173 -20.18 -13.42 -21.07
CA PRO B 173 -19.22 -14.22 -21.84
C PRO B 173 -19.38 -14.18 -23.36
N LYS B 174 -20.60 -13.99 -23.84
CA LYS B 174 -20.87 -14.18 -25.26
C LYS B 174 -20.73 -12.85 -26.00
N ARG B 175 -20.43 -11.76 -25.27
CA ARG B 175 -20.71 -10.41 -25.73
C ARG B 175 -19.51 -9.47 -25.52
N SER B 176 -19.62 -8.28 -26.12
CA SER B 176 -18.51 -7.34 -26.28
C SER B 176 -18.46 -6.23 -25.21
N ALA B 177 -19.49 -6.10 -24.38
CA ALA B 177 -19.55 -5.02 -23.40
C ALA B 177 -18.49 -5.28 -22.32
N ILE B 178 -17.77 -4.24 -21.88
CA ILE B 178 -16.67 -4.43 -20.93
C ILE B 178 -16.73 -3.39 -19.82
N LYS B 179 -15.97 -3.64 -18.76
CA LYS B 179 -15.74 -2.66 -17.71
C LYS B 179 -14.31 -2.77 -17.23
N ILE B 180 -13.85 -1.67 -16.68
CA ILE B 180 -12.53 -1.58 -16.09
C ILE B 180 -12.63 -1.85 -14.60
N VAL B 181 -11.75 -2.73 -14.10
CA VAL B 181 -11.63 -3.00 -12.68
C VAL B 181 -10.27 -2.51 -12.16
N ASP B 182 -10.23 -2.38 -10.83
CA ASP B 182 -9.02 -2.38 -10.03
C ASP B 182 -8.30 -1.04 -10.03
N PHE B 183 -8.80 -0.13 -9.17
CA PHE B 183 -8.23 1.19 -9.06
C PHE B 183 -7.27 1.18 -7.88
N GLY B 184 -6.76 -0.02 -7.59
CA GLY B 184 -5.89 -0.25 -6.44
C GLY B 184 -4.68 0.70 -6.44
N SER B 185 -4.09 0.92 -7.61
CA SER B 185 -2.91 1.76 -7.70
C SER B 185 -3.23 3.07 -8.43
N SER B 186 -4.49 3.49 -8.35
CA SER B 186 -4.87 4.70 -9.04
C SER B 186 -4.63 5.92 -8.15
N CYS B 187 -4.53 7.08 -8.83
CA CYS B 187 -4.45 8.39 -8.22
C CYS B 187 -5.23 9.40 -9.07
N GLN B 188 -5.49 10.55 -8.45
CA GLN B 188 -6.05 11.69 -9.16
C GLN B 188 -4.92 12.55 -9.68
N LEU B 189 -5.17 13.35 -10.74
CA LEU B 189 -4.10 14.15 -11.36
C LEU B 189 -3.44 15.08 -10.34
N GLY B 190 -4.27 15.78 -9.56
CA GLY B 190 -3.83 16.82 -8.64
C GLY B 190 -3.17 16.30 -7.35
N GLN B 191 -3.39 15.01 -7.01
CA GLN B 191 -2.79 14.37 -5.84
C GLN B 191 -2.04 13.08 -6.24
N ARG B 192 -0.90 13.24 -6.95
N ARG B 192 -0.92 13.24 -6.97
CA ARG B 192 -0.04 12.13 -7.38
CA ARG B 192 -0.05 12.13 -7.33
C ARG B 192 1.09 11.98 -6.35
C ARG B 192 0.94 11.94 -6.18
N ILE B 193 1.49 10.73 -6.04
CA ILE B 193 2.38 10.47 -4.90
C ILE B 193 3.52 9.47 -5.21
N TYR B 194 3.42 8.60 -6.24
CA TYR B 194 4.37 7.50 -6.47
C TYR B 194 5.28 7.84 -7.66
N GLN B 195 6.13 6.91 -8.14
CA GLN B 195 6.97 7.27 -9.29
C GLN B 195 7.62 6.11 -10.13
N ILE B 197 5.33 3.57 -11.61
CA ILE B 197 3.94 3.01 -11.68
C ILE B 197 3.68 2.33 -13.02
N GLN B 198 2.50 1.68 -13.10
CA GLN B 198 2.09 0.93 -14.28
C GLN B 198 2.77 -0.43 -14.26
N SER B 199 2.15 -1.38 -14.97
CA SER B 199 2.78 -2.67 -15.18
C SER B 199 3.70 -2.59 -16.41
N ARG B 200 4.89 -3.16 -16.27
CA ARG B 200 6.00 -2.98 -17.20
C ARG B 200 5.54 -2.87 -18.66
N PHE B 201 4.79 -3.88 -19.14
CA PHE B 201 4.50 -4.05 -20.57
C PHE B 201 3.70 -2.86 -21.09
N TYR B 202 2.92 -2.22 -20.20
CA TYR B 202 1.99 -1.17 -20.57
C TYR B 202 2.52 0.16 -20.03
N ARG B 203 3.79 0.22 -19.66
CA ARG B 203 4.28 1.36 -18.93
C ARG B 203 4.80 2.39 -19.92
N SER B 204 4.36 3.64 -19.71
CA SER B 204 4.49 4.70 -20.70
C SER B 204 5.92 5.22 -20.69
N PRO B 205 6.37 5.89 -21.78
CA PRO B 205 7.74 6.37 -21.86
C PRO B 205 8.05 7.41 -20.78
N GLU B 206 7.04 8.22 -20.43
CA GLU B 206 7.23 9.31 -19.46
C GLU B 206 7.61 8.69 -18.12
N VAL B 207 6.97 7.58 -17.77
CA VAL B 207 7.16 6.96 -16.47
C VAL B 207 8.50 6.22 -16.43
N LEU B 208 8.80 5.46 -17.49
CA LEU B 208 10.12 4.89 -17.67
C LEU B 208 11.16 5.96 -17.49
N LEU B 209 10.92 7.14 -18.06
CA LEU B 209 11.91 8.19 -18.02
C LEU B 209 11.82 8.98 -16.73
N GLY B 210 10.91 8.59 -15.83
CA GLY B 210 10.83 9.20 -14.51
C GLY B 210 10.51 10.69 -14.59
N MET B 211 9.57 10.99 -15.50
CA MET B 211 9.12 12.35 -15.74
C MET B 211 7.79 12.49 -15.02
N PRO B 212 7.27 13.73 -14.91
CA PRO B 212 5.88 13.97 -14.51
C PRO B 212 4.94 13.42 -15.57
N TYR B 213 3.75 13.00 -15.12
CA TYR B 213 2.81 12.28 -15.97
C TYR B 213 1.39 12.69 -15.62
N ASP B 214 0.45 12.31 -16.50
CA ASP B 214 -0.96 12.64 -16.38
C ASP B 214 -1.80 11.53 -17.02
N LEU B 215 -3.07 11.82 -17.29
CA LEU B 215 -4.01 10.81 -17.78
C LEU B 215 -3.57 10.14 -19.09
N ALA B 216 -2.58 10.72 -19.80
CA ALA B 216 -2.13 10.14 -21.07
C ALA B 216 -1.48 8.77 -20.88
N ILE B 217 -0.94 8.47 -19.68
CA ILE B 217 -0.31 7.18 -19.50
C ILE B 217 -1.34 6.08 -19.75
N ASP B 218 -2.58 6.31 -19.42
CA ASP B 218 -3.60 5.31 -19.65
C ASP B 218 -3.85 5.14 -21.14
N MET B 219 -3.74 6.23 -21.91
CA MET B 219 -3.84 6.10 -23.36
C MET B 219 -2.69 5.27 -23.94
N TRP B 220 -1.46 5.50 -23.46
CA TRP B 220 -0.33 4.69 -23.89
C TRP B 220 -0.59 3.22 -23.60
N SER B 221 -1.03 2.92 -22.38
CA SER B 221 -1.40 1.57 -22.02
C SER B 221 -2.46 1.04 -22.98
N LEU B 222 -3.47 1.87 -23.26
CA LEU B 222 -4.55 1.41 -24.12
C LEU B 222 -4.02 1.06 -25.51
N GLY B 223 -3.05 1.84 -26.01
CA GLY B 223 -2.54 1.55 -27.34
C GLY B 223 -1.92 0.16 -27.36
N CYS B 224 -1.13 -0.13 -26.34
CA CYS B 224 -0.50 -1.42 -26.18
C CYS B 224 -1.57 -2.51 -26.11
N ILE B 225 -2.66 -2.23 -25.38
CA ILE B 225 -3.63 -3.28 -25.09
C ILE B 225 -4.31 -3.69 -26.38
N LEU B 226 -4.72 -2.73 -27.19
CA LEU B 226 -5.49 -3.05 -28.37
C LEU B 226 -4.68 -3.87 -29.38
N VAL B 227 -3.37 -3.58 -29.49
CA VAL B 227 -2.50 -4.28 -30.42
C VAL B 227 -2.49 -5.75 -29.99
N GLU B 228 -2.28 -5.95 -28.69
CA GLU B 228 -2.19 -7.27 -28.06
C GLU B 228 -3.50 -8.02 -28.22
N MET B 229 -4.63 -7.32 -28.06
CA MET B 229 -5.91 -8.00 -28.16
C MET B 229 -6.06 -8.62 -29.55
N HIS B 230 -5.47 -7.99 -30.57
CA HIS B 230 -5.61 -8.45 -31.94
C HIS B 230 -4.48 -9.43 -32.33
N THR B 231 -3.25 -9.20 -31.89
CA THR B 231 -2.16 -10.09 -32.27
C THR B 231 -2.17 -11.31 -31.36
N GLY B 232 -2.63 -11.11 -30.12
CA GLY B 232 -2.66 -12.15 -29.12
C GLY B 232 -1.51 -12.02 -28.12
N GLU B 233 -0.57 -11.13 -28.41
CA GLU B 233 0.72 -11.15 -27.76
C GLU B 233 1.01 -9.73 -27.30
N PRO B 234 1.79 -9.53 -26.20
CA PRO B 234 2.18 -8.18 -25.79
C PRO B 234 3.07 -7.51 -26.83
N LEU B 235 2.82 -6.20 -27.07
CA LEU B 235 3.56 -5.43 -28.05
C LEU B 235 5.01 -5.24 -27.59
N PHE B 236 5.15 -4.78 -26.35
CA PHE B 236 6.44 -4.50 -25.74
C PHE B 236 6.62 -5.33 -24.47
N SER B 237 7.02 -6.60 -24.61
CA SER B 237 7.12 -7.49 -23.47
C SER B 237 8.55 -7.51 -22.94
N GLY B 238 8.92 -6.48 -22.17
CA GLY B 238 10.28 -6.35 -21.68
C GLY B 238 10.52 -7.17 -20.42
N ALA B 239 11.79 -7.54 -20.22
CA ALA B 239 12.24 -8.26 -19.04
C ALA B 239 12.61 -7.33 -17.89
N ASN B 240 12.76 -6.02 -18.15
CA ASN B 240 13.14 -5.03 -17.15
C ASN B 240 12.97 -3.65 -17.77
N GLU B 241 13.27 -2.57 -17.05
CA GLU B 241 13.01 -1.24 -17.58
C GLU B 241 13.81 -0.98 -18.87
N VAL B 242 15.08 -1.37 -18.87
CA VAL B 242 15.96 -1.12 -20.02
C VAL B 242 15.42 -1.86 -21.25
N ASP B 243 15.08 -3.15 -21.11
CA ASP B 243 14.52 -3.96 -22.19
C ASP B 243 13.22 -3.35 -22.70
N GLN B 244 12.37 -2.95 -21.75
CA GLN B 244 11.11 -2.34 -22.08
C GLN B 244 11.35 -1.13 -22.98
N MET B 245 12.23 -0.22 -22.56
CA MET B 245 12.51 0.95 -23.37
C MET B 245 13.06 0.52 -24.72
N ASN B 246 13.94 -0.48 -24.72
CA ASN B 246 14.56 -0.95 -25.95
C ASN B 246 13.52 -1.61 -26.85
N LYS B 247 12.52 -2.28 -26.29
CA LYS B 247 11.50 -2.88 -27.13
C LYS B 247 10.60 -1.79 -27.71
N ILE B 248 10.49 -0.68 -26.98
CA ILE B 248 9.61 0.40 -27.39
C ILE B 248 10.29 1.11 -28.54
N VAL B 249 11.61 1.24 -28.44
CA VAL B 249 12.38 2.04 -29.38
C VAL B 249 12.52 1.33 -30.72
N GLU B 250 12.62 -0.01 -30.72
CA GLU B 250 12.60 -0.76 -31.96
C GLU B 250 11.35 -0.49 -32.79
N VAL B 251 10.25 -0.16 -32.12
CA VAL B 251 9.03 0.08 -32.88
C VAL B 251 8.93 1.55 -33.28
N LEU B 252 9.28 2.45 -32.35
CA LEU B 252 8.86 3.83 -32.42
C LEU B 252 10.05 4.79 -32.49
N GLY B 253 11.28 4.26 -32.55
CA GLY B 253 12.43 5.10 -32.82
C GLY B 253 12.90 5.79 -31.54
N ILE B 254 13.98 6.56 -31.65
CA ILE B 254 14.49 7.32 -30.53
C ILE B 254 13.41 8.33 -30.13
N PRO B 255 13.11 8.49 -28.83
CA PRO B 255 12.21 9.56 -28.40
C PRO B 255 12.67 10.94 -28.90
N PRO B 256 11.74 11.90 -29.07
CA PRO B 256 12.11 13.27 -29.45
C PRO B 256 13.17 13.83 -28.52
N ALA B 257 14.15 14.55 -29.07
CA ALA B 257 15.23 15.13 -28.30
C ALA B 257 14.69 16.00 -27.15
N HIS B 258 13.56 16.70 -27.38
CA HIS B 258 13.06 17.68 -26.43
C HIS B 258 12.56 17.00 -25.14
N ILE B 259 12.18 15.72 -25.25
CA ILE B 259 11.73 14.95 -24.10
C ILE B 259 12.94 14.41 -23.31
N LEU B 260 13.89 13.77 -24.00
CA LEU B 260 15.05 13.18 -23.34
C LEU B 260 15.82 14.23 -22.55
N ASP B 261 15.88 15.44 -23.14
CA ASP B 261 16.56 16.58 -22.55
C ASP B 261 15.94 16.97 -21.20
N GLN B 262 14.65 16.68 -20.97
CA GLN B 262 14.05 17.05 -19.69
C GLN B 262 13.74 15.82 -18.85
N ALA B 263 14.47 14.75 -19.08
CA ALA B 263 14.08 13.44 -18.60
C ALA B 263 15.09 12.94 -17.59
N PRO B 264 14.77 12.98 -16.27
CA PRO B 264 15.72 12.60 -15.20
C PRO B 264 16.45 11.30 -15.46
N LYS B 265 15.74 10.30 -16.01
CA LYS B 265 16.28 8.96 -16.18
C LYS B 265 16.68 8.68 -17.64
N ALA B 266 16.80 9.72 -18.49
CA ALA B 266 17.28 9.53 -19.85
C ALA B 266 18.53 8.64 -19.88
N ARG B 267 19.52 8.94 -19.01
CA ARG B 267 20.84 8.32 -19.05
C ARG B 267 20.77 6.85 -18.68
N LYS B 268 19.68 6.43 -18.07
CA LYS B 268 19.46 5.00 -17.84
C LYS B 268 19.34 4.24 -19.16
N PHE B 269 19.02 4.91 -20.27
CA PHE B 269 18.74 4.23 -21.53
C PHE B 269 19.52 4.81 -22.72
N PHE B 270 19.65 6.15 -22.75
CA PHE B 270 20.26 6.86 -23.86
C PHE B 270 21.57 7.55 -23.43
N GLU B 271 22.46 7.74 -24.42
CA GLU B 271 23.56 8.70 -24.31
C GLU B 271 23.55 9.63 -25.52
N LYS B 272 24.58 10.46 -25.63
CA LYS B 272 24.75 11.38 -26.75
C LYS B 272 25.85 10.84 -27.66
N LEU B 273 25.65 10.96 -28.97
CA LEU B 273 26.75 10.78 -29.89
C LEU B 273 27.55 12.08 -29.98
N PRO B 274 28.74 12.08 -30.61
CA PRO B 274 29.56 13.29 -30.68
C PRO B 274 28.93 14.43 -31.49
N ASP B 275 27.86 14.16 -32.23
CA ASP B 275 27.13 15.19 -32.96
C ASP B 275 26.07 15.85 -32.07
N GLY B 276 25.99 15.39 -30.80
CA GLY B 276 25.14 16.00 -29.79
C GLY B 276 23.69 15.46 -29.77
N THR B 277 23.36 14.46 -30.62
CA THR B 277 22.02 13.87 -30.65
C THR B 277 22.00 12.58 -29.84
N TRP B 278 20.78 12.13 -29.49
CA TRP B 278 20.55 11.02 -28.57
C TRP B 278 20.49 9.71 -29.34
N ASN B 279 21.12 8.67 -28.78
N ASN B 279 21.12 8.66 -28.81
CA ASN B 279 20.96 7.31 -29.30
CA ASN B 279 20.85 7.31 -29.32
C ASN B 279 20.86 6.37 -28.10
C ASN B 279 20.83 6.37 -28.11
N LEU B 280 20.63 5.08 -28.38
CA LEU B 280 20.61 4.07 -27.33
C LEU B 280 22.01 3.91 -26.76
N LYS B 281 22.10 3.56 -25.47
CA LYS B 281 23.30 2.98 -24.91
C LYS B 281 23.39 1.51 -25.35
N LYS B 282 24.63 0.99 -25.46
CA LYS B 282 24.87 -0.35 -25.98
C LYS B 282 24.99 -1.35 -24.82
N THR B 283 23.90 -2.12 -24.57
CA THR B 283 23.86 -3.14 -23.53
C THR B 283 23.96 -4.51 -24.18
N GLU B 289 20.22 -7.96 -27.53
CA GLU B 289 20.62 -7.27 -28.78
C GLU B 289 19.37 -7.00 -29.64
N TYR B 290 19.28 -5.78 -30.17
CA TYR B 290 18.01 -5.22 -30.62
C TYR B 290 18.05 -4.89 -32.11
N LYS B 291 16.88 -4.94 -32.76
CA LYS B 291 16.78 -4.38 -34.10
C LYS B 291 17.05 -2.88 -33.98
N PRO B 292 17.51 -2.22 -35.05
CA PRO B 292 17.69 -0.76 -35.02
C PRO B 292 16.45 0.05 -34.67
N PRO B 293 16.63 1.31 -34.21
CA PRO B 293 15.49 2.14 -33.80
C PRO B 293 14.47 2.37 -34.93
N GLY B 294 13.19 2.10 -34.64
CA GLY B 294 12.07 2.38 -35.54
C GLY B 294 11.92 1.38 -36.68
N THR B 295 12.56 0.20 -36.58
CA THR B 295 12.70 -0.73 -37.69
C THR B 295 11.82 -1.96 -37.47
N ARG B 296 11.25 -2.13 -36.26
CA ARG B 296 10.21 -3.10 -36.03
C ARG B 296 8.87 -2.42 -36.33
N LYS B 297 8.47 -2.44 -37.59
CA LYS B 297 7.38 -1.62 -38.05
C LYS B 297 6.05 -2.17 -37.55
N LEU B 298 5.20 -1.29 -37.03
CA LEU B 298 3.86 -1.66 -36.60
C LEU B 298 3.05 -2.17 -37.81
N HIS B 299 3.31 -1.58 -38.99
CA HIS B 299 2.75 -2.01 -40.27
C HIS B 299 2.84 -3.53 -40.46
N ASN B 300 3.93 -4.13 -39.98
CA ASN B 300 4.21 -5.55 -40.13
C ASN B 300 3.68 -6.36 -38.95
N ILE B 301 3.74 -5.82 -37.72
CA ILE B 301 3.15 -6.47 -36.56
C ILE B 301 1.66 -6.77 -36.82
N LEU B 302 0.94 -5.75 -37.29
CA LEU B 302 -0.46 -5.88 -37.62
C LEU B 302 -0.66 -6.58 -38.95
N GLY B 303 0.43 -6.72 -39.75
CA GLY B 303 0.29 -7.28 -41.08
C GLY B 303 -0.79 -6.57 -41.90
N VAL B 304 -0.64 -5.25 -42.05
CA VAL B 304 -1.62 -4.43 -42.76
C VAL B 304 -1.83 -5.00 -44.15
N GLU B 305 -0.73 -5.33 -44.85
CA GLU B 305 -0.76 -5.75 -46.24
C GLU B 305 -0.58 -7.25 -46.34
N THR B 306 -0.50 -7.95 -45.20
CA THR B 306 -0.06 -9.33 -45.25
C THR B 306 -1.14 -10.22 -44.64
N GLY B 307 -2.39 -9.76 -44.65
CA GLY B 307 -3.52 -10.50 -44.09
C GLY B 307 -3.47 -10.60 -42.56
N GLY B 308 -3.10 -9.51 -41.89
CA GLY B 308 -3.20 -9.43 -40.44
C GLY B 308 -2.02 -10.09 -39.75
N PRO B 309 -2.06 -10.15 -38.39
CA PRO B 309 -0.98 -10.74 -37.60
C PRO B 309 -0.57 -12.14 -38.04
N GLY B 310 0.72 -12.29 -38.39
CA GLY B 310 1.32 -13.56 -38.75
C GLY B 310 0.67 -14.17 -39.98
N GLY B 311 -0.20 -13.41 -40.65
CA GLY B 311 -0.86 -13.87 -41.85
C GLY B 311 -2.22 -14.51 -41.58
N ARG B 312 -2.58 -14.69 -40.30
CA ARG B 312 -3.66 -15.59 -39.88
C ARG B 312 -5.08 -15.15 -40.27
N ARG B 313 -5.24 -13.91 -40.75
CA ARG B 313 -6.55 -13.35 -41.04
C ARG B 313 -6.75 -13.27 -42.54
N ALA B 314 -5.91 -14.00 -43.28
CA ALA B 314 -5.96 -14.00 -44.73
C ALA B 314 -7.38 -14.33 -45.20
N GLY B 315 -7.96 -13.40 -45.96
CA GLY B 315 -9.24 -13.64 -46.63
C GLY B 315 -10.41 -13.81 -45.67
N GLU B 316 -10.30 -13.27 -44.45
CA GLU B 316 -11.48 -13.07 -43.61
C GLU B 316 -12.03 -11.68 -43.90
N SER B 317 -13.35 -11.58 -43.85
CA SER B 317 -14.03 -10.30 -43.85
C SER B 317 -13.71 -9.60 -42.52
N GLY B 318 -13.89 -8.27 -42.50
CA GLY B 318 -13.63 -7.44 -41.35
C GLY B 318 -12.14 -7.15 -41.14
N HIS B 319 -11.33 -7.31 -42.19
CA HIS B 319 -9.88 -7.15 -42.05
C HIS B 319 -9.28 -6.69 -43.38
N THR B 320 -9.86 -5.62 -43.95
CA THR B 320 -9.33 -5.03 -45.17
C THR B 320 -8.01 -4.30 -44.88
N VAL B 321 -7.30 -4.02 -45.96
CA VAL B 321 -6.13 -3.17 -45.89
C VAL B 321 -6.58 -1.80 -45.36
N ALA B 322 -7.69 -1.28 -45.88
CA ALA B 322 -8.24 -0.01 -45.44
C ALA B 322 -8.37 0.03 -43.92
N ASP B 323 -9.04 -0.99 -43.37
CA ASP B 323 -9.26 -1.11 -41.93
C ASP B 323 -7.96 -1.16 -41.12
N TYR B 324 -6.98 -1.96 -41.55
CA TYR B 324 -5.74 -2.10 -40.82
C TYR B 324 -4.97 -0.77 -40.85
N LEU B 325 -5.19 0.04 -41.89
CA LEU B 325 -4.50 1.32 -42.01
C LEU B 325 -5.09 2.31 -41.01
N LYS B 326 -6.41 2.24 -40.83
CA LYS B 326 -7.07 3.05 -39.83
C LYS B 326 -6.69 2.61 -38.42
N PHE B 327 -6.51 1.32 -38.21
CA PHE B 327 -6.15 0.82 -36.90
C PHE B 327 -4.70 1.22 -36.62
N LYS B 328 -3.83 1.01 -37.60
CA LYS B 328 -2.44 1.38 -37.42
C LYS B 328 -2.38 2.83 -36.97
N ASP B 329 -3.17 3.69 -37.65
CA ASP B 329 -3.13 5.14 -37.46
C ASP B 329 -3.53 5.53 -36.04
N LEU B 330 -4.59 4.88 -35.53
CA LEU B 330 -5.10 5.18 -34.21
C LEU B 330 -4.04 4.79 -33.19
N ILE B 331 -3.54 3.54 -33.30
CA ILE B 331 -2.49 3.05 -32.42
C ILE B 331 -1.30 4.02 -32.40
N LEU B 332 -0.79 4.40 -33.55
CA LEU B 332 0.39 5.26 -33.54
C LEU B 332 0.08 6.57 -32.84
N ARG B 333 -1.18 6.99 -32.88
CA ARG B 333 -1.51 8.26 -32.23
C ARG B 333 -1.54 8.08 -30.71
N MET B 334 -1.90 6.87 -30.24
CA MET B 334 -1.93 6.56 -28.81
C MET B 334 -0.52 6.31 -28.30
N LEU B 335 0.39 5.92 -29.21
CA LEU B 335 1.72 5.53 -28.86
C LEU B 335 2.69 6.68 -29.13
N ASP B 336 2.17 7.90 -29.25
CA ASP B 336 2.99 9.07 -29.39
C ASP B 336 3.85 9.20 -28.13
N TYR B 337 5.15 9.47 -28.34
CA TYR B 337 6.10 9.68 -27.27
C TYR B 337 5.71 10.90 -26.46
N ASP B 338 5.29 11.96 -27.14
CA ASP B 338 4.92 13.19 -26.46
C ASP B 338 3.53 13.05 -25.84
N PRO B 339 3.39 13.11 -24.49
CA PRO B 339 2.09 13.03 -23.84
C PRO B 339 1.21 14.25 -24.09
N LYS B 340 1.79 15.36 -24.58
CA LYS B 340 1.03 16.56 -24.92
C LYS B 340 0.15 16.30 -26.15
N THR B 341 0.74 15.70 -27.20
CA THR B 341 0.12 15.49 -28.51
C THR B 341 -0.38 14.04 -28.65
N ARG B 342 -0.18 13.18 -27.66
CA ARG B 342 -0.81 11.87 -27.70
C ARG B 342 -2.33 12.06 -27.82
N ILE B 343 -2.99 11.20 -28.60
CA ILE B 343 -4.40 11.41 -28.86
C ILE B 343 -5.20 11.30 -27.57
N GLN B 344 -6.26 12.06 -27.52
CA GLN B 344 -7.07 12.10 -26.31
C GLN B 344 -8.37 11.36 -26.56
N PRO B 345 -9.07 10.89 -25.50
CA PRO B 345 -10.21 10.00 -25.68
C PRO B 345 -11.23 10.53 -26.68
N TYR B 346 -11.50 11.83 -26.63
CA TYR B 346 -12.59 12.37 -27.44
C TYR B 346 -12.21 12.30 -28.93
N TYR B 347 -10.97 12.57 -29.30
CA TYR B 347 -10.60 12.60 -30.71
C TYR B 347 -10.33 11.19 -31.22
N ALA B 348 -9.89 10.32 -30.32
CA ALA B 348 -9.76 8.90 -30.60
C ALA B 348 -11.11 8.32 -31.01
N LEU B 349 -12.18 8.74 -30.31
CA LEU B 349 -13.54 8.33 -30.63
C LEU B 349 -13.95 8.87 -32.00
N GLN B 350 -13.35 9.98 -32.44
CA GLN B 350 -13.72 10.56 -33.74
C GLN B 350 -12.85 10.00 -34.86
N HIS B 351 -11.85 9.17 -34.53
CA HIS B 351 -10.96 8.60 -35.52
C HIS B 351 -11.74 7.80 -36.55
N SER B 352 -11.21 7.71 -37.78
CA SER B 352 -11.88 7.07 -38.91
C SER B 352 -12.02 5.55 -38.72
N PHE B 353 -11.30 5.00 -37.76
CA PHE B 353 -11.38 3.57 -37.45
C PHE B 353 -12.74 3.20 -36.86
N PHE B 354 -13.44 4.17 -36.26
CA PHE B 354 -14.69 3.91 -35.60
C PHE B 354 -15.89 4.26 -36.48
N LYS B 355 -15.67 4.86 -37.66
CA LYS B 355 -16.79 5.19 -38.55
C LYS B 355 -17.18 3.98 -39.39
N LYS B 356 -18.39 4.01 -39.97
CA LYS B 356 -18.90 2.94 -40.83
C LYS B 356 -19.84 3.52 -41.90
#